data_9I23
#
_entry.id   9I23
#
_cell.length_a   155.659
_cell.length_b   155.659
_cell.length_c   129.566
_cell.angle_alpha   90.000
_cell.angle_beta   90.000
_cell.angle_gamma   90.000
#
_symmetry.space_group_name_H-M   'P 41 21 2'
#
loop_
_entity.id
_entity.type
_entity.pdbx_description
1 polymer 'ATP-dependent DNA helicase Q1'
2 polymer "DNA (5'-D(P*GP*GP*GP*TP*GP*GP*GP*TP*GP*GP*GP*TP*GP*GP*GP*T)-3')"
3 non-polymer 'ZINC ION'
4 non-polymer "ADENOSINE-5'-DIPHOSPHATE"
5 non-polymer 'MAGNESIUM ION'
6 non-polymer 'POTASSIUM ION'
#
loop_
_entity_poly.entity_id
_entity_poly.type
_entity_poly.pdbx_seq_one_letter_code
_entity_poly.pdbx_strand_id
1 'polypeptide(L)'
;DSSPAAWNKEDFPWSGKVKDILQNVFKLEKFRPLQLETINVTMAGKEVFLVMPTGGGKSLCYQLPALCSDGFTLVICPLI
SLMEDQLMVLKQLGISATMLNASSSKEHVKWVHAEMVNKNSELKLIYVTPEKIAKSKMFMSRLEKAYEARRFTRIAVDEV
HCCSQWGHDFRPDYKALGILKRQFPNASLIGLTATATNHVLTDAQKILCIEKCFTFTASFNRPNLYYEVRQKPSNTEDFI
EDIVKLINGRYKGQSGIIYCFSQKDSEQVTVSLQNLGIHAGAYHANLEPEDKTTVHRKWSANEIQVVVATVAFGMGIDKP
DVRFVIHHSMSKSMENYYQESGRAGRDDMKADCILYYGFGDIFRISSMVVMENVGQQKLYEMVSYCQNISKCRRVLMAQH
FDEVWNSEACNKMCDNCCKDSAFERKNITEYCRDLIKILKQAEELNEKLTPLKLIDSWMGKGAAKLRVAGVVAPTLPRED
LEKIIAHFLIQQYLKEDYSFTAYATISYLKIGPKANLLNNEAHAITMQVTK
;
A,B
2 'polydeoxyribonucleotide'
;(DA)(DG)(DG)(DG)(DT)(DG)(DG)(DG)(DT)(DG)(DG)(DG)(DT)(DG)(DG)(DG)(DT)(DT)(DT)(DT)
(DT)(DT)(DT)
;
C,D
#
# COMPACT_ATOMS: atom_id res chain seq x y z
N ASP A 1 -9.14 -19.51 15.41
CA ASP A 1 -9.86 -18.83 16.48
C ASP A 1 -10.09 -19.75 17.67
N SER A 2 -9.24 -19.64 18.69
CA SER A 2 -9.44 -20.40 19.91
C SER A 2 -10.69 -19.90 20.63
N SER A 3 -11.32 -20.81 21.37
CA SER A 3 -12.62 -20.55 21.99
C SER A 3 -12.51 -19.46 23.05
N PRO A 4 -13.24 -18.34 22.91
CA PRO A 4 -13.18 -17.30 23.94
C PRO A 4 -13.98 -17.62 25.20
N ALA A 5 -14.87 -18.62 25.16
CA ALA A 5 -15.70 -18.94 26.32
C ALA A 5 -14.86 -19.34 27.52
N ALA A 6 -13.66 -19.89 27.30
CA ALA A 6 -12.81 -20.29 28.41
C ALA A 6 -12.29 -19.09 29.18
N TRP A 7 -12.32 -17.90 28.57
CA TRP A 7 -11.82 -16.69 29.21
C TRP A 7 -12.93 -15.85 29.81
N ASN A 8 -14.19 -16.26 29.67
CA ASN A 8 -15.30 -15.52 30.24
C ASN A 8 -15.48 -15.93 31.71
N LYS A 9 -14.49 -15.57 32.51
CA LYS A 9 -14.51 -15.87 33.94
C LYS A 9 -13.68 -14.83 34.67
N GLU A 10 -13.92 -14.73 35.98
CA GLU A 10 -13.24 -13.81 36.87
C GLU A 10 -12.52 -14.57 37.99
N ASP A 11 -11.85 -15.66 37.64
CA ASP A 11 -11.08 -16.45 38.59
C ASP A 11 -9.59 -16.17 38.51
N PHE A 12 -9.19 -15.20 37.69
CA PHE A 12 -7.79 -14.84 37.51
C PHE A 12 -7.29 -14.01 38.69
N PRO A 13 -5.97 -14.00 38.93
CA PRO A 13 -5.44 -13.17 40.03
C PRO A 13 -5.71 -11.69 39.87
N TRP A 14 -6.03 -11.22 38.66
CA TRP A 14 -6.31 -9.82 38.41
C TRP A 14 -7.81 -9.53 38.31
N SER A 15 -8.66 -10.50 38.63
CA SER A 15 -10.09 -10.32 38.42
C SER A 15 -10.64 -9.19 39.28
N GLY A 16 -10.23 -9.12 40.55
CA GLY A 16 -10.67 -8.03 41.39
C GLY A 16 -10.24 -6.67 40.86
N LYS A 17 -8.98 -6.58 40.39
CA LYS A 17 -8.49 -5.33 39.83
C LYS A 17 -9.27 -4.94 38.57
N VAL A 18 -9.57 -5.92 37.71
CA VAL A 18 -10.31 -5.63 36.48
C VAL A 18 -11.72 -5.13 36.81
N LYS A 19 -12.40 -5.81 37.74
CA LYS A 19 -13.74 -5.37 38.11
C LYS A 19 -13.72 -3.98 38.72
N ASP A 20 -12.71 -3.72 39.58
CA ASP A 20 -12.58 -2.40 40.21
C ASP A 20 -12.39 -1.32 39.16
N ILE A 21 -11.52 -1.57 38.17
CA ILE A 21 -11.28 -0.56 37.14
C ILE A 21 -12.52 -0.36 36.29
N LEU A 22 -13.27 -1.43 36.01
CA LEU A 22 -14.46 -1.30 35.17
C LEU A 22 -15.54 -0.48 35.87
N GLN A 23 -15.81 -0.78 37.13
CA GLN A 23 -16.96 -0.18 37.80
C GLN A 23 -16.64 1.19 38.40
N ASN A 24 -15.47 1.36 39.01
CA ASN A 24 -15.18 2.59 39.73
C ASN A 24 -14.60 3.68 38.84
N VAL A 25 -13.85 3.30 37.81
CA VAL A 25 -13.21 4.28 36.92
C VAL A 25 -14.06 4.59 35.69
N PHE A 26 -14.44 3.55 34.94
CA PHE A 26 -15.16 3.75 33.69
C PHE A 26 -16.66 3.93 33.87
N LYS A 27 -17.19 3.72 35.09
CA LYS A 27 -18.60 3.95 35.38
C LYS A 27 -19.52 3.16 34.45
N LEU A 28 -19.16 1.90 34.19
CA LEU A 28 -20.00 1.01 33.40
C LEU A 28 -20.52 -0.10 34.29
N GLU A 29 -21.76 -0.53 34.02
CA GLU A 29 -22.41 -1.54 34.85
C GLU A 29 -21.97 -2.95 34.49
N LYS A 30 -22.19 -3.35 33.25
CA LYS A 30 -21.95 -4.70 32.78
C LYS A 30 -20.94 -4.70 31.64
N PHE A 31 -20.28 -5.84 31.45
CA PHE A 31 -19.46 -6.05 30.28
C PHE A 31 -20.31 -6.40 29.07
N ARG A 32 -20.01 -5.76 27.93
CA ARG A 32 -20.59 -6.22 26.68
C ARG A 32 -19.88 -7.50 26.24
N PRO A 33 -20.51 -8.31 25.39
CA PRO A 33 -19.90 -9.58 24.99
C PRO A 33 -18.50 -9.41 24.44
N LEU A 34 -17.64 -10.38 24.76
CA LEU A 34 -16.25 -10.52 24.30
C LEU A 34 -15.32 -9.47 24.88
N GLN A 35 -15.82 -8.54 25.70
CA GLN A 35 -14.95 -7.56 26.32
C GLN A 35 -14.11 -8.19 27.43
N LEU A 36 -14.75 -8.92 28.34
CA LEU A 36 -14.05 -9.52 29.46
C LEU A 36 -13.03 -10.54 28.99
N GLU A 37 -13.39 -11.35 27.98
CA GLU A 37 -12.47 -12.37 27.49
C GLU A 37 -11.24 -11.74 26.86
N THR A 38 -11.44 -10.72 26.03
CA THR A 38 -10.30 -10.05 25.40
C THR A 38 -9.42 -9.36 26.44
N ILE A 39 -10.03 -8.74 27.45
CA ILE A 39 -9.24 -8.10 28.49
C ILE A 39 -8.45 -9.12 29.29
N ASN A 40 -9.04 -10.29 29.55
CA ASN A 40 -8.33 -11.33 30.29
C ASN A 40 -7.17 -11.88 29.48
N VAL A 41 -7.37 -12.04 28.16
CA VAL A 41 -6.27 -12.48 27.32
C VAL A 41 -5.17 -11.45 27.28
N THR A 42 -5.52 -10.16 27.24
CA THR A 42 -4.49 -9.13 27.22
C THR A 42 -3.70 -9.09 28.52
N MET A 43 -4.39 -9.27 29.66
CA MET A 43 -3.69 -9.32 30.94
C MET A 43 -2.87 -10.59 31.12
N ALA A 44 -3.18 -11.65 30.38
CA ALA A 44 -2.42 -12.89 30.49
C ALA A 44 -1.13 -12.86 29.68
N GLY A 45 -0.79 -11.73 29.07
CA GLY A 45 0.43 -11.64 28.30
C GLY A 45 0.32 -12.24 26.92
N LYS A 46 -0.89 -12.61 26.50
CA LYS A 46 -1.11 -13.24 25.21
C LYS A 46 -1.49 -12.19 24.16
N GLU A 47 -1.07 -12.44 22.93
CA GLU A 47 -1.48 -11.61 21.80
C GLU A 47 -2.94 -11.89 21.45
N VAL A 48 -3.66 -10.86 21.02
CA VAL A 48 -5.07 -11.04 20.73
C VAL A 48 -5.52 -10.07 19.65
N PHE A 49 -6.44 -10.53 18.80
CA PHE A 49 -7.13 -9.71 17.82
C PHE A 49 -8.62 -9.70 18.14
N LEU A 50 -9.23 -8.52 18.03
CA LEU A 50 -10.64 -8.33 18.34
C LEU A 50 -11.35 -7.75 17.12
N VAL A 51 -12.25 -8.52 16.54
CA VAL A 51 -13.09 -8.08 15.43
C VAL A 51 -14.44 -7.72 16.03
N MET A 52 -14.68 -6.43 16.22
CA MET A 52 -15.91 -5.94 16.81
C MET A 52 -16.37 -4.72 16.02
N PRO A 53 -17.65 -4.64 15.69
CA PRO A 53 -18.16 -3.49 14.91
C PRO A 53 -17.90 -2.16 15.61
N THR A 54 -17.88 -1.11 14.80
CA THR A 54 -17.66 0.24 15.29
C THR A 54 -18.75 0.64 16.27
N GLY A 55 -18.35 1.21 17.41
CA GLY A 55 -19.29 1.49 18.47
C GLY A 55 -19.48 0.36 19.45
N GLY A 56 -18.80 -0.76 19.25
CA GLY A 56 -18.98 -1.93 20.10
C GLY A 56 -18.29 -1.84 21.44
N GLY A 57 -17.26 -1.01 21.57
CA GLY A 57 -16.48 -1.01 22.79
C GLY A 57 -15.10 -1.59 22.62
N LYS A 58 -14.51 -1.41 21.44
CA LYS A 58 -13.16 -1.93 21.19
C LYS A 58 -12.11 -1.15 21.96
N SER A 59 -12.34 0.14 22.19
CA SER A 59 -11.34 0.96 22.86
C SER A 59 -11.11 0.48 24.29
N LEU A 60 -12.19 0.21 25.02
CA LEU A 60 -12.09 -0.21 26.41
C LEU A 60 -11.15 -1.41 26.57
N CYS A 61 -11.23 -2.37 25.65
CA CYS A 61 -10.45 -3.60 25.75
C CYS A 61 -8.95 -3.36 25.75
N TYR A 62 -8.46 -2.17 25.40
CA TYR A 62 -7.06 -1.87 25.60
C TYR A 62 -6.84 -0.69 26.53
N GLN A 63 -7.88 0.09 26.85
CA GLN A 63 -7.72 1.17 27.80
C GLN A 63 -7.76 0.65 29.23
N LEU A 64 -8.61 -0.33 29.49
CA LEU A 64 -8.75 -0.89 30.83
C LEU A 64 -7.53 -1.68 31.29
N PRO A 65 -6.92 -2.56 30.47
CA PRO A 65 -5.72 -3.24 30.94
C PRO A 65 -4.58 -2.31 31.32
N ALA A 66 -4.48 -1.15 30.65
CA ALA A 66 -3.43 -0.18 31.00
C ALA A 66 -3.53 0.22 32.46
N LEU A 67 -4.75 0.46 32.95
CA LEU A 67 -4.94 0.83 34.33
C LEU A 67 -4.79 -0.35 35.29
N CYS A 68 -4.82 -1.58 34.79
CA CYS A 68 -4.71 -2.74 35.67
C CYS A 68 -3.27 -3.12 35.99
N SER A 69 -2.29 -2.38 35.47
CA SER A 69 -0.90 -2.66 35.78
C SER A 69 -0.13 -1.34 35.80
N ASP A 70 1.03 -1.38 36.43
CA ASP A 70 1.86 -0.18 36.51
C ASP A 70 2.46 0.14 35.15
N GLY A 71 2.55 1.43 34.86
CA GLY A 71 3.11 1.91 33.60
C GLY A 71 2.04 2.30 32.61
N PHE A 72 2.49 2.65 31.41
CA PHE A 72 1.61 3.14 30.35
C PHE A 72 1.43 2.09 29.25
N THR A 73 0.67 2.46 28.23
CA THR A 73 0.38 1.59 27.10
C THR A 73 0.53 2.38 25.80
N LEU A 74 1.31 1.83 24.87
CA LEU A 74 1.50 2.45 23.56
C LEU A 74 0.35 2.10 22.63
N VAL A 75 -0.20 3.09 21.94
CA VAL A 75 -1.29 2.90 20.99
C VAL A 75 -0.82 3.39 19.62
N ILE A 76 -1.05 2.59 18.59
CA ILE A 76 -0.77 2.97 17.22
C ILE A 76 -2.08 3.34 16.55
N CYS A 77 -2.20 4.61 16.13
CA CYS A 77 -3.42 5.07 15.51
C CYS A 77 -3.10 5.72 14.18
N PRO A 78 -3.88 5.44 13.13
CA PRO A 78 -3.56 5.99 11.81
C PRO A 78 -3.99 7.44 11.59
N LEU A 79 -4.95 7.95 12.36
CA LEU A 79 -5.45 9.31 12.15
C LEU A 79 -5.30 10.13 13.42
N ILE A 80 -5.19 11.45 13.25
CA ILE A 80 -5.07 12.32 14.42
C ILE A 80 -6.43 12.62 15.04
N SER A 81 -7.50 12.66 14.24
CA SER A 81 -8.81 12.95 14.81
C SER A 81 -9.25 11.85 15.76
N LEU A 82 -8.95 10.60 15.42
CA LEU A 82 -9.27 9.50 16.33
C LEU A 82 -8.51 9.62 17.64
N MET A 83 -7.23 10.01 17.55
CA MET A 83 -6.45 10.23 18.77
C MET A 83 -7.06 11.33 19.62
N GLU A 84 -7.52 12.41 18.98
CA GLU A 84 -8.15 13.50 19.72
C GLU A 84 -9.44 13.05 20.39
N ASP A 85 -10.23 12.22 19.70
CA ASP A 85 -11.47 11.75 20.31
C ASP A 85 -11.19 10.88 21.52
N GLN A 86 -10.22 9.95 21.39
CA GLN A 86 -9.84 9.13 22.53
C GLN A 86 -9.31 9.98 23.68
N LEU A 87 -8.53 11.02 23.36
CA LEU A 87 -7.98 11.87 24.41
C LEU A 87 -9.07 12.65 25.13
N MET A 88 -10.07 13.12 24.38
CA MET A 88 -11.20 13.83 25.00
C MET A 88 -11.96 12.90 25.93
N VAL A 89 -12.22 11.67 25.48
CA VAL A 89 -12.92 10.70 26.31
C VAL A 89 -12.11 10.40 27.58
N LEU A 90 -10.79 10.25 27.45
CA LEU A 90 -9.95 9.89 28.58
C LEU A 90 -9.78 11.06 29.56
N LYS A 91 -9.71 12.29 29.04
CA LYS A 91 -9.58 13.47 29.89
C LYS A 91 -10.88 13.74 30.65
N GLN A 92 -12.03 13.45 30.04
CA GLN A 92 -13.29 13.58 30.75
C GLN A 92 -13.34 12.64 31.95
N LEU A 93 -12.73 11.46 31.83
CA LEU A 93 -12.67 10.48 32.92
C LEU A 93 -11.48 10.69 33.85
N GLY A 94 -10.66 11.72 33.60
CA GLY A 94 -9.55 12.03 34.48
C GLY A 94 -8.35 11.11 34.36
N ILE A 95 -8.21 10.41 33.23
CA ILE A 95 -7.11 9.48 33.00
C ILE A 95 -6.01 10.22 32.25
N SER A 96 -4.78 10.15 32.76
CA SER A 96 -3.67 10.82 32.10
C SER A 96 -3.28 10.08 30.83
N ALA A 97 -3.26 10.81 29.71
CA ALA A 97 -2.94 10.25 28.42
C ALA A 97 -2.36 11.35 27.54
N THR A 98 -1.69 10.94 26.47
CA THR A 98 -1.05 11.90 25.57
C THR A 98 -1.05 11.36 24.15
N MET A 99 -0.70 12.25 23.21
CA MET A 99 -0.61 11.90 21.81
C MET A 99 0.61 12.56 21.19
N LEU A 100 1.08 11.97 20.09
CA LEU A 100 2.21 12.48 19.34
C LEU A 100 1.88 12.39 17.86
N ASN A 101 2.15 13.46 17.11
CA ASN A 101 1.94 13.46 15.68
C ASN A 101 3.01 14.33 15.03
N ALA A 102 2.89 14.53 13.72
CA ALA A 102 3.86 15.37 13.02
C ALA A 102 3.66 16.84 13.33
N SER A 103 2.43 17.23 13.68
CA SER A 103 2.11 18.62 13.95
C SER A 103 2.28 18.98 15.42
N SER A 104 2.78 18.07 16.24
CA SER A 104 3.00 18.35 17.65
C SER A 104 4.20 19.28 17.84
N SER A 105 4.14 20.09 18.88
CA SER A 105 5.19 21.04 19.18
C SER A 105 6.41 20.34 19.77
N LYS A 106 7.54 21.04 19.73
CA LYS A 106 8.79 20.49 20.25
C LYS A 106 8.75 20.29 21.76
N GLU A 107 8.16 21.25 22.48
CA GLU A 107 8.09 21.16 23.93
C GLU A 107 7.22 19.97 24.36
N HIS A 108 6.12 19.74 23.64
CA HIS A 108 5.25 18.60 23.96
C HIS A 108 5.94 17.28 23.68
N VAL A 109 6.68 17.20 22.57
CA VAL A 109 7.43 15.98 22.26
C VAL A 109 8.48 15.72 23.33
N LYS A 110 9.15 16.78 23.80
CA LYS A 110 10.17 16.58 24.81
C LYS A 110 9.56 16.17 26.14
N TRP A 111 8.39 16.73 26.47
CA TRP A 111 7.68 16.31 27.67
C TRP A 111 7.26 14.84 27.59
N VAL A 112 6.83 14.40 26.40
CA VAL A 112 6.47 12.98 26.26
C VAL A 112 7.71 12.11 26.44
N HIS A 113 8.85 12.54 25.87
CA HIS A 113 10.08 11.77 26.06
C HIS A 113 10.45 11.68 27.53
N ALA A 114 10.19 12.75 28.30
CA ALA A 114 10.50 12.70 29.72
C ALA A 114 9.53 11.81 30.49
N GLU A 115 8.23 11.89 30.16
CA GLU A 115 7.26 11.10 30.91
C GLU A 115 7.36 9.61 30.61
N MET A 116 7.85 9.25 29.41
CA MET A 116 8.01 7.84 29.11
C MET A 116 9.03 7.17 30.04
N VAL A 117 10.13 7.87 30.32
CA VAL A 117 11.17 7.33 31.19
C VAL A 117 10.98 7.72 32.65
N ASN A 118 9.98 8.53 32.95
CA ASN A 118 9.76 8.93 34.33
C ASN A 118 9.24 7.77 35.15
N LYS A 119 9.82 7.60 36.34
CA LYS A 119 9.41 6.50 37.20
C LYS A 119 8.02 6.74 37.76
N ASN A 120 7.74 7.99 38.16
CA ASN A 120 6.50 8.37 38.80
C ASN A 120 5.55 9.08 37.85
N SER A 121 5.69 8.87 36.55
CA SER A 121 4.82 9.48 35.56
C SER A 121 3.41 8.91 35.70
N GLU A 122 2.41 9.78 35.54
CA GLU A 122 1.03 9.35 35.65
C GLU A 122 0.44 8.94 34.30
N LEU A 123 1.24 8.99 33.24
CA LEU A 123 0.74 8.61 31.92
C LEU A 123 0.40 7.13 31.88
N LYS A 124 -0.71 6.82 31.21
CA LYS A 124 -1.14 5.45 31.02
C LYS A 124 -1.38 5.07 29.56
N LEU A 125 -1.68 6.03 28.69
CA LEU A 125 -1.92 5.77 27.28
C LEU A 125 -1.22 6.83 26.44
N ILE A 126 -0.37 6.37 25.51
CA ILE A 126 0.33 7.25 24.59
C ILE A 126 -0.04 6.86 23.17
N TYR A 127 -0.86 7.69 22.51
CA TYR A 127 -1.26 7.46 21.14
C TYR A 127 -0.26 8.10 20.19
N VAL A 128 0.20 7.35 19.20
CA VAL A 128 1.14 7.86 18.22
C VAL A 128 0.75 7.35 16.84
N THR A 129 1.15 8.11 15.81
CA THR A 129 1.00 7.66 14.44
C THR A 129 2.12 6.69 14.06
N PRO A 130 1.89 5.81 13.08
CA PRO A 130 2.96 4.88 12.69
C PRO A 130 4.21 5.57 12.17
N GLU A 131 4.07 6.80 11.64
CA GLU A 131 5.26 7.53 11.18
C GLU A 131 6.23 7.78 12.32
N LYS A 132 5.70 8.01 13.54
CA LYS A 132 6.56 8.21 14.70
C LYS A 132 7.36 6.95 15.04
N ILE A 133 6.85 5.79 14.65
CA ILE A 133 7.56 4.53 14.86
C ILE A 133 8.57 4.32 13.74
N ALA A 134 8.19 4.68 12.52
CA ALA A 134 8.99 4.38 11.34
C ALA A 134 9.99 5.48 11.04
N LYS A 135 9.67 6.74 11.33
CA LYS A 135 10.51 7.85 10.94
C LYS A 135 10.84 8.71 12.14
N SER A 136 11.19 8.08 13.26
CA SER A 136 11.73 8.81 14.41
C SER A 136 12.62 7.84 15.19
N LYS A 137 13.94 7.98 15.05
CA LYS A 137 14.84 7.10 15.81
C LYS A 137 14.91 7.52 17.28
N MET A 138 14.72 8.81 17.57
CA MET A 138 14.70 9.28 18.95
C MET A 138 13.51 8.69 19.71
N PHE A 139 12.33 8.67 19.07
CA PHE A 139 11.18 8.06 19.73
C PHE A 139 11.41 6.58 19.95
N MET A 140 12.12 5.91 19.03
CA MET A 140 12.43 4.50 19.20
C MET A 140 13.38 4.30 20.38
N SER A 141 14.33 5.21 20.56
CA SER A 141 15.22 5.13 21.71
C SER A 141 14.46 5.30 23.01
N ARG A 142 13.56 6.28 23.07
CA ARG A 142 12.74 6.47 24.27
C ARG A 142 11.84 5.26 24.51
N LEU A 143 11.31 4.66 23.43
CA LEU A 143 10.48 3.47 23.58
C LEU A 143 11.28 2.31 24.15
N GLU A 144 12.52 2.14 23.69
CA GLU A 144 13.37 1.09 24.22
C GLU A 144 13.70 1.34 25.68
N LYS A 145 13.96 2.60 26.05
CA LYS A 145 14.20 2.94 27.45
C LYS A 145 12.98 2.61 28.30
N ALA A 146 11.78 2.91 27.80
CA ALA A 146 10.57 2.62 28.56
C ALA A 146 10.34 1.11 28.68
N TYR A 147 10.71 0.35 27.64
CA TYR A 147 10.55 -1.09 27.69
C TYR A 147 11.50 -1.73 28.70
N GLU A 148 12.76 -1.30 28.70
CA GLU A 148 13.74 -1.89 29.62
C GLU A 148 13.48 -1.54 31.07
N ALA A 149 12.78 -0.44 31.35
CA ALA A 149 12.42 -0.07 32.71
C ALA A 149 11.04 -0.58 33.13
N ARG A 150 10.42 -1.43 32.32
CA ARG A 150 9.08 -1.96 32.58
C ARG A 150 8.07 -0.83 32.73
N ARG A 151 8.24 0.22 31.94
CA ARG A 151 7.29 1.33 31.95
C ARG A 151 6.07 1.07 31.10
N PHE A 152 6.15 0.15 30.14
CA PHE A 152 4.98 -0.25 29.37
C PHE A 152 5.09 -1.74 29.05
N THR A 153 3.97 -2.44 29.16
CA THR A 153 3.94 -3.89 29.02
C THR A 153 2.96 -4.38 27.97
N ARG A 154 2.14 -3.50 27.39
CA ARG A 154 1.15 -3.89 26.39
C ARG A 154 1.13 -2.86 25.28
N ILE A 155 0.82 -3.33 24.08
CA ILE A 155 0.79 -2.53 22.86
C ILE A 155 -0.57 -2.71 22.21
N ALA A 156 -1.15 -1.61 21.75
CA ALA A 156 -2.45 -1.61 21.08
C ALA A 156 -2.31 -1.09 19.66
N VAL A 157 -2.80 -1.87 18.71
CA VAL A 157 -2.78 -1.50 17.30
C VAL A 157 -4.23 -1.24 16.91
N ASP A 158 -4.63 0.03 16.93
CA ASP A 158 -5.97 0.37 16.48
C ASP A 158 -6.02 0.30 14.96
N GLU A 159 -7.12 -0.25 14.45
CA GLU A 159 -7.27 -0.55 13.03
C GLU A 159 -6.14 -1.48 12.57
N VAL A 160 -5.99 -2.61 13.26
CA VAL A 160 -4.89 -3.51 12.94
C VAL A 160 -4.97 -4.01 11.52
N HIS A 161 -6.18 -4.04 10.92
CA HIS A 161 -6.30 -4.49 9.54
C HIS A 161 -5.45 -3.68 8.57
N CYS A 162 -5.03 -2.46 8.97
CA CYS A 162 -4.16 -1.67 8.09
C CYS A 162 -2.77 -2.24 7.93
N CYS A 163 -2.34 -3.16 8.83
CA CYS A 163 -1.02 -3.76 8.66
C CYS A 163 -0.95 -4.60 7.40
N SER A 164 -2.08 -5.19 7.02
CA SER A 164 -2.15 -6.00 5.81
C SER A 164 -2.09 -5.09 4.59
N GLN A 165 -1.42 -5.55 3.55
CA GLN A 165 -1.42 -4.79 2.31
C GLN A 165 -2.81 -4.84 1.67
N TRP A 166 -3.63 -5.80 2.06
CA TRP A 166 -4.97 -5.96 1.53
C TRP A 166 -6.00 -5.13 2.27
N GLY A 167 -5.70 -4.73 3.50
CA GLY A 167 -6.68 -4.04 4.32
C GLY A 167 -6.99 -2.66 3.77
N HIS A 168 -8.08 -2.10 4.28
CA HIS A 168 -8.47 -0.75 3.89
C HIS A 168 -7.53 0.28 4.48
N ASP A 169 -7.25 1.32 3.70
CA ASP A 169 -6.36 2.42 4.10
C ASP A 169 -5.02 1.87 4.56
N PHE A 170 -4.43 1.03 3.73
CA PHE A 170 -3.11 0.49 4.04
C PHE A 170 -2.10 1.64 4.02
N ARG A 171 -1.20 1.65 5.00
CA ARG A 171 -0.21 2.69 5.02
C ARG A 171 1.18 2.10 4.87
N PRO A 172 2.03 2.64 3.99
CA PRO A 172 3.41 2.13 3.91
C PRO A 172 4.13 2.21 5.25
N ASP A 173 3.78 3.18 6.10
CA ASP A 173 4.30 3.21 7.46
C ASP A 173 3.93 1.96 8.23
N TYR A 174 2.70 1.48 8.04
CA TYR A 174 2.24 0.28 8.74
C TYR A 174 3.08 -0.95 8.41
N LYS A 175 3.82 -0.92 7.30
CA LYS A 175 4.65 -2.06 6.94
C LYS A 175 5.70 -2.35 8.01
N ALA A 176 6.25 -1.31 8.63
CA ALA A 176 7.35 -1.50 9.57
C ALA A 176 6.89 -1.92 10.96
N LEU A 177 5.59 -2.02 11.23
CA LEU A 177 5.13 -2.25 12.59
C LEU A 177 5.58 -3.58 13.17
N GLY A 178 6.10 -4.51 12.38
CA GLY A 178 6.64 -5.73 12.95
C GLY A 178 7.83 -5.50 13.86
N ILE A 179 8.50 -4.36 13.72
CA ILE A 179 9.65 -4.07 14.57
C ILE A 179 9.21 -3.96 16.04
N LEU A 180 7.95 -3.58 16.27
CA LEU A 180 7.45 -3.46 17.64
C LEU A 180 7.61 -4.77 18.39
N LYS A 181 6.96 -5.83 17.92
CA LYS A 181 7.10 -7.14 18.53
C LYS A 181 8.50 -7.72 18.36
N ARG A 182 9.25 -7.27 17.36
CA ARG A 182 10.61 -7.80 17.20
C ARG A 182 11.59 -7.24 18.22
N GLN A 183 11.36 -6.01 18.70
CA GLN A 183 12.25 -5.39 19.68
C GLN A 183 11.75 -5.48 21.12
N PHE A 184 10.45 -5.57 21.34
CA PHE A 184 9.86 -5.59 22.68
C PHE A 184 8.91 -6.78 22.80
N PRO A 185 9.45 -8.00 22.92
CA PRO A 185 8.58 -9.18 22.89
C PRO A 185 7.72 -9.34 24.13
N ASN A 186 8.16 -8.81 25.29
CA ASN A 186 7.40 -8.99 26.51
C ASN A 186 6.13 -8.15 26.56
N ALA A 187 5.92 -7.27 25.60
CA ALA A 187 4.73 -6.44 25.55
C ALA A 187 3.64 -7.19 24.78
N SER A 188 2.51 -7.43 25.43
CA SER A 188 1.42 -8.16 24.78
C SER A 188 0.70 -7.26 23.78
N LEU A 189 0.50 -7.75 22.56
CA LEU A 189 -0.06 -6.94 21.49
C LEU A 189 -1.53 -7.29 21.28
N ILE A 190 -2.36 -6.26 21.16
CA ILE A 190 -3.79 -6.40 20.91
C ILE A 190 -4.15 -5.57 19.69
N GLY A 191 -4.58 -6.23 18.62
CA GLY A 191 -5.05 -5.57 17.42
C GLY A 191 -6.57 -5.45 17.42
N LEU A 192 -7.06 -4.33 16.92
CA LEU A 192 -8.50 -4.05 16.90
C LEU A 192 -8.97 -3.75 15.48
N THR A 193 -10.14 -4.27 15.13
CA THR A 193 -10.68 -3.96 13.81
C THR A 193 -12.19 -4.21 13.79
N ALA A 194 -12.84 -3.53 12.85
CA ALA A 194 -14.26 -3.71 12.56
C ALA A 194 -14.50 -4.25 11.17
N THR A 195 -13.63 -3.92 10.22
CA THR A 195 -13.64 -4.51 8.89
C THR A 195 -12.51 -5.53 8.86
N ALA A 196 -12.87 -6.81 8.81
CA ALA A 196 -11.89 -7.88 9.01
C ALA A 196 -12.25 -9.07 8.15
N THR A 197 -11.50 -9.30 7.09
CA THR A 197 -11.53 -10.57 6.39
C THR A 197 -10.53 -11.50 7.07
N ASN A 198 -10.79 -12.81 6.96
CA ASN A 198 -9.95 -13.79 7.64
C ASN A 198 -8.52 -13.73 7.11
N HIS A 199 -8.38 -13.72 5.78
CA HIS A 199 -7.04 -13.63 5.19
C HIS A 199 -6.39 -12.30 5.52
N VAL A 200 -7.17 -11.22 5.55
CA VAL A 200 -6.60 -9.92 5.93
C VAL A 200 -6.04 -9.97 7.35
N LEU A 201 -6.78 -10.59 8.27
CA LEU A 201 -6.31 -10.63 9.65
C LEU A 201 -5.08 -11.52 9.78
N THR A 202 -5.05 -12.63 9.03
CA THR A 202 -3.84 -13.47 9.04
C THR A 202 -2.64 -12.71 8.47
N ASP A 203 -2.85 -11.91 7.42
CA ASP A 203 -1.77 -11.12 6.85
C ASP A 203 -1.27 -10.07 7.84
N ALA A 204 -2.19 -9.43 8.55
CA ALA A 204 -1.78 -8.46 9.57
C ALA A 204 -1.02 -9.13 10.69
N GLN A 205 -1.45 -10.33 11.09
CA GLN A 205 -0.73 -11.08 12.11
C GLN A 205 0.67 -11.43 11.63
N LYS A 206 0.81 -11.79 10.36
CA LYS A 206 2.14 -12.02 9.80
C LYS A 206 3.00 -10.76 9.83
N ILE A 207 2.42 -9.61 9.45
CA ILE A 207 3.22 -8.40 9.38
C ILE A 207 3.69 -7.96 10.77
N LEU A 208 2.80 -8.06 11.76
CA LEU A 208 3.19 -7.69 13.13
C LEU A 208 4.11 -8.70 13.79
N CYS A 209 4.52 -9.76 13.09
CA CYS A 209 5.46 -10.75 13.61
C CYS A 209 4.90 -11.42 14.88
N ILE A 210 3.68 -11.94 14.78
CA ILE A 210 3.01 -12.64 15.87
C ILE A 210 2.82 -14.09 15.45
N GLU A 211 3.20 -15.04 16.31
CA GLU A 211 3.07 -16.42 15.88
C GLU A 211 1.74 -17.07 16.29
N LYS A 212 1.44 -17.10 17.58
CA LYS A 212 0.14 -17.51 18.08
C LYS A 212 -0.64 -16.31 18.57
N CYS A 213 -1.92 -16.24 18.20
CA CYS A 213 -2.73 -15.09 18.56
C CYS A 213 -4.20 -15.49 18.53
N PHE A 214 -4.88 -15.28 19.64
CA PHE A 214 -6.32 -15.52 19.69
C PHE A 214 -7.03 -14.51 18.79
N THR A 215 -8.18 -14.92 18.25
CA THR A 215 -8.95 -14.06 17.35
C THR A 215 -10.42 -14.18 17.74
N PHE A 216 -10.97 -13.12 18.33
CA PHE A 216 -12.33 -13.12 18.84
C PHE A 216 -13.19 -12.24 17.95
N THR A 217 -14.22 -12.83 17.33
CA THR A 217 -15.09 -12.14 16.40
C THR A 217 -16.49 -12.02 16.99
N ALA A 218 -17.03 -10.81 16.99
CA ALA A 218 -18.35 -10.56 17.54
C ALA A 218 -19.44 -11.11 16.62
N SER A 219 -20.62 -11.30 17.20
CA SER A 219 -21.75 -11.82 16.44
C SER A 219 -22.22 -10.81 15.40
N PHE A 220 -22.62 -11.32 14.24
CA PHE A 220 -23.03 -10.46 13.13
C PHE A 220 -24.43 -9.90 13.36
N ASN A 221 -25.41 -10.79 13.53
CA ASN A 221 -26.80 -10.37 13.63
C ASN A 221 -27.08 -9.61 14.92
N ARG A 222 -27.91 -8.57 14.81
CA ARG A 222 -28.37 -7.80 15.96
C ARG A 222 -29.88 -7.91 16.04
N PRO A 223 -30.42 -8.72 16.96
CA PRO A 223 -31.86 -9.04 16.92
C PRO A 223 -32.76 -7.85 17.23
N ASN A 224 -32.24 -6.78 17.83
CA ASN A 224 -33.06 -5.66 18.27
C ASN A 224 -33.22 -4.57 17.20
N LEU A 225 -32.61 -4.73 16.03
CA LEU A 225 -32.64 -3.72 14.99
C LEU A 225 -33.69 -4.05 13.93
N TYR A 226 -34.45 -3.03 13.54
CA TYR A 226 -35.49 -3.14 12.52
C TYR A 226 -35.05 -2.34 11.29
N TYR A 227 -35.02 -3.01 10.14
CA TYR A 227 -34.52 -2.45 8.89
C TYR A 227 -35.66 -2.13 7.94
N GLU A 228 -35.60 -0.97 7.30
CA GLU A 228 -36.67 -0.51 6.42
C GLU A 228 -36.11 0.38 5.33
N VAL A 229 -36.70 0.28 4.14
CA VAL A 229 -36.35 1.10 2.98
C VAL A 229 -37.56 1.91 2.56
N ARG A 230 -37.39 3.23 2.49
CA ARG A 230 -38.46 4.14 2.11
C ARG A 230 -38.06 4.93 0.87
N GLN A 231 -39.06 5.38 0.13
CA GLN A 231 -38.84 6.15 -1.08
C GLN A 231 -38.46 7.59 -0.75
N LYS A 232 -37.41 8.09 -1.39
CA LYS A 232 -36.96 9.47 -1.17
C LYS A 232 -37.73 10.40 -2.10
N PRO A 233 -38.43 11.41 -1.57
CA PRO A 233 -39.20 12.31 -2.44
C PRO A 233 -38.28 13.07 -3.39
N SER A 234 -38.85 13.46 -4.54
CA SER A 234 -38.07 14.12 -5.57
C SER A 234 -37.57 15.48 -5.10
N ASN A 235 -38.38 16.19 -4.32
CA ASN A 235 -37.99 17.47 -3.77
C ASN A 235 -37.29 17.27 -2.43
N THR A 236 -36.54 18.28 -2.01
CA THR A 236 -35.79 18.24 -0.76
C THR A 236 -36.56 18.80 0.43
N GLU A 237 -37.72 19.40 0.19
CA GLU A 237 -38.47 20.05 1.28
C GLU A 237 -39.47 19.11 1.92
N ASP A 238 -40.28 18.44 1.10
CA ASP A 238 -41.16 17.41 1.63
C ASP A 238 -40.37 16.31 2.34
N PHE A 239 -39.11 16.10 1.94
CA PHE A 239 -38.28 15.14 2.62
C PHE A 239 -38.07 15.51 4.08
N ILE A 240 -37.62 16.75 4.34
CA ILE A 240 -37.45 17.21 5.71
C ILE A 240 -38.78 17.24 6.44
N GLU A 241 -39.85 17.58 5.72
CA GLU A 241 -41.18 17.63 6.36
C GLU A 241 -41.60 16.25 6.85
N ASP A 242 -41.40 15.23 6.03
CA ASP A 242 -41.71 13.85 6.41
C ASP A 242 -40.80 13.37 7.51
N ILE A 243 -39.52 13.76 7.48
CA ILE A 243 -38.59 13.37 8.53
C ILE A 243 -39.04 13.95 9.87
N VAL A 244 -39.43 15.23 9.89
CA VAL A 244 -39.93 15.85 11.11
C VAL A 244 -41.21 15.18 11.57
N LYS A 245 -42.10 14.85 10.62
CA LYS A 245 -43.35 14.17 10.96
C LYS A 245 -43.07 12.85 11.66
N LEU A 246 -42.18 12.03 11.07
CA LEU A 246 -41.83 10.75 11.68
C LEU A 246 -41.22 10.95 13.06
N ILE A 247 -40.26 11.88 13.18
CA ILE A 247 -39.58 12.07 14.45
C ILE A 247 -40.55 12.48 15.55
N ASN A 248 -41.53 13.32 15.21
CA ASN A 248 -42.48 13.76 16.22
C ASN A 248 -43.62 12.78 16.45
N GLY A 249 -43.90 11.89 15.50
CA GLY A 249 -45.04 11.00 15.64
C GLY A 249 -44.71 9.60 16.14
N ARG A 250 -43.45 9.20 16.01
CA ARG A 250 -43.03 7.88 16.46
C ARG A 250 -41.90 7.91 17.47
N TYR A 251 -40.99 8.88 17.39
CA TYR A 251 -39.82 8.94 18.25
C TYR A 251 -39.80 10.24 19.03
N LYS A 252 -40.96 10.63 19.55
CA LYS A 252 -41.09 11.91 20.23
C LYS A 252 -40.24 11.92 21.50
N GLY A 253 -39.25 12.81 21.54
CA GLY A 253 -38.33 12.87 22.64
C GLY A 253 -37.26 11.80 22.65
N GLN A 254 -37.12 11.01 21.59
CA GLN A 254 -36.13 9.94 21.52
C GLN A 254 -34.95 10.38 20.67
N SER A 255 -33.76 9.94 21.05
CA SER A 255 -32.54 10.32 20.34
C SER A 255 -32.46 9.63 18.98
N GLY A 256 -31.73 10.25 18.05
CA GLY A 256 -31.60 9.70 16.72
C GLY A 256 -30.44 10.28 15.95
N ILE A 257 -30.03 9.55 14.91
CA ILE A 257 -28.97 9.96 14.01
C ILE A 257 -29.52 10.05 12.59
N ILE A 258 -29.09 11.06 11.84
CA ILE A 258 -29.41 11.24 10.43
C ILE A 258 -28.12 11.30 9.63
N TYR A 259 -27.92 10.33 8.74
CA TYR A 259 -26.74 10.29 7.88
C TYR A 259 -27.06 10.94 6.54
N CYS A 260 -26.19 11.84 6.10
CA CYS A 260 -26.37 12.53 4.82
C CYS A 260 -25.23 12.19 3.89
N PHE A 261 -25.51 12.21 2.58
CA PHE A 261 -24.47 11.90 1.60
C PHE A 261 -23.31 12.86 1.70
N SER A 262 -23.60 14.15 1.59
CA SER A 262 -22.57 15.19 1.62
C SER A 262 -22.64 15.93 2.94
N GLN A 263 -21.49 16.47 3.35
CA GLN A 263 -21.45 17.31 4.54
C GLN A 263 -22.35 18.54 4.36
N LYS A 264 -22.48 19.00 3.13
CA LYS A 264 -23.38 20.12 2.86
C LYS A 264 -24.83 19.70 3.07
N ASP A 265 -25.19 18.48 2.65
CA ASP A 265 -26.50 17.95 3.00
C ASP A 265 -26.68 17.87 4.51
N SER A 266 -25.63 17.48 5.25
CA SER A 266 -25.76 17.39 6.70
C SER A 266 -26.10 18.76 7.29
N GLU A 267 -25.36 19.79 6.86
CA GLU A 267 -25.62 21.12 7.39
C GLU A 267 -27.00 21.62 6.99
N GLN A 268 -27.40 21.37 5.74
CA GLN A 268 -28.72 21.80 5.26
C GLN A 268 -29.85 21.11 6.02
N VAL A 269 -29.73 19.80 6.24
CA VAL A 269 -30.74 19.07 6.98
C VAL A 269 -30.81 19.54 8.41
N THR A 270 -29.64 19.87 9.00
CA THR A 270 -29.64 20.42 10.35
C THR A 270 -30.41 21.73 10.39
N VAL A 271 -30.15 22.62 9.43
CA VAL A 271 -30.83 23.91 9.39
C VAL A 271 -32.33 23.72 9.20
N SER A 272 -32.72 22.81 8.29
CA SER A 272 -34.13 22.59 8.03
C SER A 272 -34.85 22.01 9.25
N LEU A 273 -34.21 21.07 9.96
CA LEU A 273 -34.80 20.51 11.17
C LEU A 273 -34.89 21.55 12.27
N GLN A 274 -33.89 22.44 12.38
CA GLN A 274 -33.91 23.49 13.38
C GLN A 274 -35.03 24.49 13.11
N ASN A 275 -35.23 24.85 11.84
CA ASN A 275 -36.30 25.78 11.49
C ASN A 275 -37.68 25.15 11.69
N LEU A 276 -37.77 23.82 11.67
CA LEU A 276 -39.03 23.12 11.84
C LEU A 276 -39.26 22.65 13.28
N GLY A 277 -38.43 23.07 14.22
CA GLY A 277 -38.63 22.76 15.63
C GLY A 277 -37.91 21.53 16.15
N ILE A 278 -37.22 20.78 15.30
CA ILE A 278 -36.49 19.59 15.73
C ILE A 278 -35.12 20.00 16.24
N HIS A 279 -34.82 19.64 17.48
CA HIS A 279 -33.53 19.97 18.08
C HIS A 279 -32.45 19.13 17.40
N ALA A 280 -31.68 19.75 16.51
CA ALA A 280 -30.70 19.03 15.70
C ALA A 280 -29.32 19.64 15.87
N GLY A 281 -28.30 18.80 15.67
CA GLY A 281 -26.92 19.23 15.72
C GLY A 281 -26.07 18.57 14.66
N ALA A 282 -25.33 19.37 13.90
CA ALA A 282 -24.48 18.83 12.84
C ALA A 282 -23.15 18.36 13.41
N TYR A 283 -22.66 17.23 12.89
CA TYR A 283 -21.39 16.67 13.35
C TYR A 283 -20.62 16.01 12.22
N HIS A 284 -19.32 16.30 12.17
CA HIS A 284 -18.39 15.64 11.26
C HIS A 284 -16.98 15.85 11.78
N ALA A 285 -16.03 15.15 11.17
CA ALA A 285 -14.64 15.18 11.63
C ALA A 285 -13.97 16.52 11.35
N ASN A 286 -14.50 17.29 10.39
CA ASN A 286 -13.93 18.59 10.05
C ASN A 286 -14.26 19.65 11.09
N LEU A 287 -15.19 19.39 12.01
CA LEU A 287 -15.50 20.33 13.09
C LEU A 287 -14.26 20.59 13.94
N GLU A 288 -14.20 21.81 14.49
CA GLU A 288 -13.17 22.13 15.46
C GLU A 288 -13.45 21.42 16.77
N PRO A 289 -12.41 21.18 17.58
CA PRO A 289 -12.64 20.51 18.87
C PRO A 289 -13.63 21.22 19.78
N GLU A 290 -13.70 22.55 19.74
CA GLU A 290 -14.69 23.24 20.56
C GLU A 290 -16.11 22.95 20.09
N ASP A 291 -16.34 22.97 18.77
CA ASP A 291 -17.66 22.63 18.24
C ASP A 291 -18.00 21.17 18.53
N LYS A 292 -17.03 20.27 18.37
CA LYS A 292 -17.27 18.87 18.70
C LYS A 292 -17.65 18.70 20.16
N THR A 293 -16.91 19.37 21.05
CA THR A 293 -17.20 19.30 22.47
C THR A 293 -18.60 19.83 22.78
N THR A 294 -18.99 20.95 22.17
CA THR A 294 -20.30 21.51 22.45
C THR A 294 -21.42 20.60 21.94
N VAL A 295 -21.28 20.09 20.71
CA VAL A 295 -22.32 19.21 20.18
C VAL A 295 -22.40 17.92 20.98
N HIS A 296 -21.26 17.37 21.39
CA HIS A 296 -21.30 16.14 22.19
C HIS A 296 -21.91 16.38 23.56
N ARG A 297 -21.64 17.55 24.17
CA ARG A 297 -22.27 17.85 25.44
C ARG A 297 -23.77 18.01 25.30
N LYS A 298 -24.21 18.65 24.22
CA LYS A 298 -25.64 18.75 23.96
C LYS A 298 -26.26 17.37 23.73
N TRP A 299 -25.50 16.48 23.09
CA TRP A 299 -26.03 15.15 22.76
C TRP A 299 -26.16 14.26 23.99
N SER A 300 -25.18 14.33 24.90
CA SER A 300 -25.22 13.47 26.08
C SER A 300 -26.34 13.87 27.01
N ALA A 301 -26.55 15.17 27.20
CA ALA A 301 -27.59 15.71 28.07
C ALA A 301 -28.94 15.77 27.37
N ASN A 302 -29.05 15.20 26.17
CA ASN A 302 -30.30 15.16 25.41
C ASN A 302 -30.82 16.56 25.07
N GLU A 303 -29.95 17.57 25.09
CA GLU A 303 -30.35 18.90 24.63
C GLU A 303 -30.60 18.91 23.13
N ILE A 304 -29.90 18.06 22.39
CA ILE A 304 -30.09 17.88 20.97
C ILE A 304 -30.84 16.56 20.76
N GLN A 305 -31.95 16.61 20.04
CA GLN A 305 -32.73 15.40 19.81
C GLN A 305 -32.14 14.55 18.69
N VAL A 306 -31.69 15.19 17.62
CA VAL A 306 -31.20 14.50 16.42
C VAL A 306 -29.82 15.00 16.07
N VAL A 307 -28.88 14.08 15.87
CA VAL A 307 -27.55 14.41 15.37
C VAL A 307 -27.51 14.13 13.88
N VAL A 308 -27.31 15.18 13.10
CA VAL A 308 -27.18 15.07 11.64
C VAL A 308 -25.69 15.03 11.32
N ALA A 309 -25.24 13.87 10.85
CA ALA A 309 -23.84 13.63 10.56
C ALA A 309 -23.67 13.30 9.08
N THR A 310 -22.43 13.40 8.63
CA THR A 310 -22.09 13.03 7.27
C THR A 310 -21.59 11.60 7.28
N VAL A 311 -21.79 10.90 6.16
CA VAL A 311 -21.36 9.51 6.17
C VAL A 311 -19.85 9.38 5.99
N ALA A 312 -19.19 10.39 5.42
CA ALA A 312 -17.77 10.23 5.08
C ALA A 312 -16.92 9.88 6.30
N PHE A 313 -16.90 10.77 7.30
CA PHE A 313 -16.38 10.44 8.63
C PHE A 313 -17.11 11.30 9.66
N GLY A 314 -18.10 10.73 10.34
CA GLY A 314 -18.71 11.45 11.44
C GLY A 314 -18.74 10.60 12.69
N MET A 315 -17.71 9.78 12.87
CA MET A 315 -17.74 8.66 13.81
C MET A 315 -17.24 9.03 15.20
N GLY A 316 -17.83 10.06 15.81
CA GLY A 316 -17.63 10.32 17.21
C GLY A 316 -18.91 10.27 18.04
N ILE A 317 -19.94 9.63 17.50
CA ILE A 317 -21.27 9.60 18.10
C ILE A 317 -21.41 8.30 18.89
N ASP A 318 -21.15 8.36 20.19
CA ASP A 318 -21.24 7.20 21.08
C ASP A 318 -22.31 7.44 22.15
N LYS A 319 -23.52 6.89 21.92
CA LYS A 319 -24.65 6.98 22.84
C LYS A 319 -25.44 5.69 22.78
N PRO A 320 -25.72 5.04 23.92
CA PRO A 320 -26.40 3.73 23.87
C PRO A 320 -27.87 3.79 23.51
N ASP A 321 -28.59 4.85 23.87
CA ASP A 321 -30.01 4.96 23.54
C ASP A 321 -30.23 5.76 22.25
N VAL A 322 -29.74 5.21 21.13
CA VAL A 322 -30.09 5.70 19.80
C VAL A 322 -31.32 4.93 19.31
N ARG A 323 -32.47 5.60 19.24
CA ARG A 323 -33.70 4.92 18.86
C ARG A 323 -33.92 4.82 17.34
N PHE A 324 -33.31 5.69 16.54
CA PHE A 324 -33.55 5.64 15.10
C PHE A 324 -32.37 6.19 14.31
N VAL A 325 -32.08 5.54 13.19
CA VAL A 325 -31.03 5.96 12.24
C VAL A 325 -31.68 6.15 10.87
N ILE A 326 -31.69 7.39 10.38
CA ILE A 326 -32.30 7.73 9.09
C ILE A 326 -31.22 8.10 8.09
N HIS A 327 -31.19 7.39 6.96
CA HIS A 327 -30.26 7.69 5.87
C HIS A 327 -30.91 8.62 4.85
N HIS A 328 -30.50 9.90 4.86
CA HIS A 328 -30.94 10.87 3.85
C HIS A 328 -30.64 10.41 2.43
N SER A 329 -29.47 9.82 2.22
CA SER A 329 -29.13 9.17 0.97
C SER A 329 -28.61 7.78 1.27
N MET A 330 -28.66 6.91 0.27
CA MET A 330 -28.18 5.54 0.46
C MET A 330 -26.68 5.55 0.74
N SER A 331 -26.22 4.51 1.45
CA SER A 331 -24.81 4.38 1.76
C SER A 331 -24.01 3.96 0.54
N LYS A 332 -22.69 4.19 0.62
CA LYS A 332 -21.80 3.89 -0.50
C LYS A 332 -21.61 2.40 -0.71
N SER A 333 -21.80 1.58 0.32
CA SER A 333 -21.63 0.14 0.18
C SER A 333 -22.46 -0.56 1.25
N MET A 334 -22.62 -1.87 1.08
CA MET A 334 -23.36 -2.66 2.07
C MET A 334 -22.62 -2.71 3.40
N GLU A 335 -21.29 -2.88 3.35
CA GLU A 335 -20.48 -2.84 4.58
C GLU A 335 -20.68 -1.51 5.30
N ASN A 336 -20.69 -0.42 4.54
CA ASN A 336 -20.89 0.91 5.12
C ASN A 336 -22.28 1.03 5.71
N TYR A 337 -23.31 0.51 5.04
CA TYR A 337 -24.65 0.62 5.61
C TYR A 337 -24.74 -0.15 6.92
N TYR A 338 -24.17 -1.36 6.99
CA TYR A 338 -24.20 -2.11 8.23
C TYR A 338 -23.49 -1.33 9.34
N GLN A 339 -22.28 -0.84 9.06
CA GLN A 339 -21.52 -0.15 10.10
C GLN A 339 -22.21 1.15 10.53
N GLU A 340 -22.86 1.85 9.59
CA GLU A 340 -23.48 3.13 9.93
C GLU A 340 -24.81 2.94 10.64
N SER A 341 -25.60 1.93 10.25
CA SER A 341 -26.86 1.69 10.91
C SER A 341 -26.70 0.97 12.24
N GLY A 342 -25.54 0.35 12.48
CA GLY A 342 -25.29 -0.31 13.75
C GLY A 342 -25.10 0.61 14.93
N ARG A 343 -25.10 1.93 14.73
CA ARG A 343 -24.96 2.86 15.84
C ARG A 343 -26.20 2.90 16.72
N ALA A 344 -27.35 2.47 16.21
CA ALA A 344 -28.59 2.50 16.98
C ALA A 344 -28.75 1.22 17.81
N GLY A 345 -29.45 1.36 18.93
CA GLY A 345 -29.81 0.23 19.75
C GLY A 345 -28.67 -0.46 20.48
N ARG A 346 -27.67 0.30 20.92
CA ARG A 346 -26.63 -0.34 21.73
C ARG A 346 -27.09 -0.62 23.15
N ASP A 347 -28.28 -0.15 23.53
CA ASP A 347 -28.89 -0.54 24.79
C ASP A 347 -29.71 -1.82 24.68
N ASP A 348 -29.56 -2.55 23.56
CA ASP A 348 -30.23 -3.81 23.29
C ASP A 348 -31.75 -3.69 23.22
N MET A 349 -32.28 -2.47 23.21
CA MET A 349 -33.70 -2.24 23.01
C MET A 349 -34.00 -2.08 21.52
N LYS A 350 -35.28 -2.10 21.18
CA LYS A 350 -35.68 -2.01 19.78
C LYS A 350 -35.33 -0.64 19.20
N ALA A 351 -34.72 -0.66 18.02
CA ALA A 351 -34.37 0.55 17.29
C ALA A 351 -34.76 0.38 15.83
N ASP A 352 -34.87 1.51 15.12
CA ASP A 352 -35.26 1.53 13.72
C ASP A 352 -34.11 2.03 12.86
N CYS A 353 -33.95 1.41 11.68
CA CYS A 353 -32.93 1.81 10.71
C CYS A 353 -33.64 2.09 9.38
N ILE A 354 -34.05 3.34 9.18
CA ILE A 354 -34.74 3.76 7.98
C ILE A 354 -33.74 4.28 6.96
N LEU A 355 -33.97 3.97 5.69
CA LEU A 355 -33.14 4.46 4.60
C LEU A 355 -34.06 5.03 3.53
N TYR A 356 -33.80 6.25 3.09
CA TYR A 356 -34.62 6.86 2.05
C TYR A 356 -33.90 6.69 0.71
N TYR A 357 -34.51 5.92 -0.18
CA TYR A 357 -33.89 5.55 -1.45
C TYR A 357 -34.28 6.58 -2.51
N GLY A 358 -33.28 7.31 -3.01
CA GLY A 358 -33.50 8.32 -4.03
C GLY A 358 -32.82 7.94 -5.33
N PHE A 359 -33.44 8.32 -6.44
CA PHE A 359 -32.89 7.97 -7.75
C PHE A 359 -31.62 8.74 -8.06
N GLY A 360 -31.58 10.02 -7.69
CA GLY A 360 -30.38 10.80 -7.96
C GLY A 360 -29.20 10.46 -7.08
N ASP A 361 -29.45 9.92 -5.89
CA ASP A 361 -28.35 9.53 -5.01
C ASP A 361 -27.48 8.46 -5.65
N ILE A 362 -28.07 7.60 -6.48
CA ILE A 362 -27.29 6.57 -7.18
C ILE A 362 -26.15 7.20 -7.96
N PHE A 363 -26.47 8.16 -8.83
CA PHE A 363 -25.46 8.79 -9.66
C PHE A 363 -24.58 9.74 -8.89
N ARG A 364 -25.13 10.36 -7.83
CA ARG A 364 -24.29 11.21 -6.99
C ARG A 364 -23.17 10.40 -6.36
N ILE A 365 -23.47 9.18 -5.91
CA ILE A 365 -22.43 8.33 -5.35
C ILE A 365 -21.55 7.75 -6.45
N SER A 366 -22.14 7.41 -7.60
CA SER A 366 -21.37 6.83 -8.70
C SER A 366 -20.25 7.76 -9.17
N SER A 367 -20.55 9.06 -9.25
CA SER A 367 -19.54 10.02 -9.67
C SER A 367 -18.43 10.15 -8.63
N MET A 368 -18.75 9.91 -7.36
CA MET A 368 -17.80 10.03 -6.26
C MET A 368 -16.85 8.86 -6.19
N VAL A 369 -17.30 7.65 -6.53
CA VAL A 369 -16.56 6.43 -6.30
C VAL A 369 -15.92 5.92 -7.60
N VAL A 370 -15.76 6.81 -8.58
CA VAL A 370 -15.28 6.41 -9.91
C VAL A 370 -13.81 5.98 -9.85
N MET A 371 -13.03 6.54 -8.92
CA MET A 371 -11.62 6.15 -8.81
C MET A 371 -11.44 4.82 -8.10
N GLU A 372 -12.37 4.45 -7.21
CA GLU A 372 -12.31 3.16 -6.55
C GLU A 372 -12.49 2.03 -7.56
N ASN A 373 -11.63 1.01 -7.49
CA ASN A 373 -11.60 -0.03 -8.50
C ASN A 373 -12.88 -0.88 -8.49
N VAL A 374 -13.52 -1.03 -7.33
CA VAL A 374 -14.69 -1.88 -7.21
C VAL A 374 -15.84 -1.10 -6.59
N GLY A 375 -15.77 0.22 -6.64
CA GLY A 375 -16.81 1.04 -6.02
C GLY A 375 -18.16 0.93 -6.69
N GLN A 376 -18.18 0.86 -8.02
CA GLN A 376 -19.45 0.74 -8.72
C GLN A 376 -20.14 -0.57 -8.35
N GLN A 377 -19.36 -1.64 -8.14
CA GLN A 377 -19.95 -2.92 -7.77
C GLN A 377 -20.64 -2.85 -6.41
N LYS A 378 -19.95 -2.28 -5.41
CA LYS A 378 -20.56 -2.16 -4.09
C LYS A 378 -21.78 -1.24 -4.11
N LEU A 379 -21.71 -0.15 -4.87
CA LEU A 379 -22.88 0.73 -4.96
C LEU A 379 -24.05 0.03 -5.63
N TYR A 380 -23.77 -0.80 -6.64
CA TYR A 380 -24.84 -1.54 -7.28
C TYR A 380 -25.42 -2.60 -6.35
N GLU A 381 -24.59 -3.20 -5.49
CA GLU A 381 -25.14 -4.10 -4.47
C GLU A 381 -26.09 -3.35 -3.55
N MET A 382 -25.72 -2.14 -3.14
CA MET A 382 -26.60 -1.35 -2.29
C MET A 382 -27.91 -1.01 -3.02
N VAL A 383 -27.80 -0.65 -4.30
CA VAL A 383 -28.98 -0.34 -5.09
C VAL A 383 -29.91 -1.55 -5.18
N SER A 384 -29.33 -2.75 -5.38
CA SER A 384 -30.16 -3.95 -5.46
C SER A 384 -30.84 -4.23 -4.13
N TYR A 385 -30.14 -3.97 -3.02
CA TYR A 385 -30.78 -4.06 -1.72
C TYR A 385 -31.97 -3.11 -1.62
N CYS A 386 -31.81 -1.87 -2.10
CA CYS A 386 -32.90 -0.91 -2.02
C CYS A 386 -34.07 -1.27 -2.91
N GLN A 387 -33.81 -1.91 -4.05
CA GLN A 387 -34.87 -2.20 -5.01
C GLN A 387 -35.80 -3.30 -4.52
N ASN A 388 -35.29 -4.20 -3.68
CA ASN A 388 -36.05 -5.37 -3.30
C ASN A 388 -37.23 -4.96 -2.41
N ILE A 389 -38.39 -5.58 -2.65
CA ILE A 389 -39.57 -5.32 -1.84
C ILE A 389 -40.17 -6.58 -1.23
N SER A 390 -39.58 -7.75 -1.47
CA SER A 390 -40.05 -8.99 -0.86
C SER A 390 -39.03 -9.62 0.07
N LYS A 391 -37.78 -9.73 -0.37
CA LYS A 391 -36.78 -10.51 0.35
C LYS A 391 -36.45 -9.88 1.69
N CYS A 392 -36.10 -10.73 2.65
CA CYS A 392 -35.74 -10.25 3.98
C CYS A 392 -34.47 -9.41 3.91
N ARG A 393 -34.44 -8.33 4.68
CA ARG A 393 -33.27 -7.46 4.71
C ARG A 393 -32.05 -8.14 5.33
N ARG A 394 -32.25 -9.00 6.33
CA ARG A 394 -31.10 -9.68 6.95
C ARG A 394 -30.46 -10.68 6.00
N VAL A 395 -31.26 -11.39 5.20
CA VAL A 395 -30.67 -12.30 4.22
C VAL A 395 -29.87 -11.53 3.18
N LEU A 396 -30.44 -10.44 2.67
CA LEU A 396 -29.73 -9.61 1.69
C LEU A 396 -28.44 -9.06 2.27
N MET A 397 -28.45 -8.69 3.56
CA MET A 397 -27.24 -8.15 4.17
C MET A 397 -26.20 -9.24 4.41
N ALA A 398 -26.62 -10.42 4.86
CA ALA A 398 -25.66 -11.49 5.12
C ALA A 398 -25.05 -12.03 3.84
N GLN A 399 -25.78 -11.97 2.73
CA GLN A 399 -25.22 -12.42 1.46
C GLN A 399 -24.02 -11.59 1.02
N HIS A 400 -23.89 -10.36 1.50
CA HIS A 400 -22.77 -9.51 1.13
C HIS A 400 -21.54 -9.70 2.00
N PHE A 401 -21.63 -10.48 3.07
CA PHE A 401 -20.46 -10.86 3.87
C PHE A 401 -20.29 -12.37 3.79
N ASP A 402 -19.36 -12.81 2.94
CA ASP A 402 -19.05 -14.23 2.81
C ASP A 402 -18.28 -14.77 4.01
N GLU A 403 -17.72 -13.88 4.84
CA GLU A 403 -16.95 -14.29 6.00
C GLU A 403 -17.80 -14.66 7.20
N VAL A 404 -19.11 -14.46 7.13
CA VAL A 404 -20.00 -14.78 8.24
C VAL A 404 -21.17 -15.59 7.71
N TRP A 405 -21.61 -16.55 8.51
CA TRP A 405 -22.80 -17.36 8.24
C TRP A 405 -23.82 -16.97 9.30
N ASN A 406 -24.86 -16.25 8.88
CA ASN A 406 -25.90 -15.76 9.79
C ASN A 406 -27.20 -16.50 9.51
N SER A 407 -27.68 -17.29 10.48
CA SER A 407 -28.95 -17.96 10.30
C SER A 407 -29.99 -17.61 11.36
N GLU A 408 -29.85 -16.47 12.04
CA GLU A 408 -30.84 -16.06 13.02
C GLU A 408 -32.11 -15.53 12.36
N ALA A 409 -33.26 -15.94 12.88
CA ALA A 409 -34.53 -15.53 12.31
C ALA A 409 -34.75 -14.04 12.49
N CYS A 410 -35.39 -13.41 11.49
CA CYS A 410 -35.64 -11.98 11.57
C CYS A 410 -36.66 -11.64 12.65
N ASN A 411 -37.67 -12.49 12.83
CA ASN A 411 -38.71 -12.30 13.85
C ASN A 411 -39.48 -11.00 13.61
N LYS A 412 -39.88 -10.78 12.35
CA LYS A 412 -40.67 -9.61 11.95
C LYS A 412 -39.95 -8.31 12.27
N MET A 413 -38.63 -8.29 12.07
CA MET A 413 -37.82 -7.11 12.34
C MET A 413 -37.28 -6.47 11.06
N CYS A 414 -38.05 -6.50 9.97
CA CYS A 414 -37.69 -5.80 8.75
C CYS A 414 -38.98 -5.46 8.00
N ASP A 415 -38.88 -4.47 7.12
CA ASP A 415 -40.07 -3.97 6.44
C ASP A 415 -40.67 -5.04 5.53
N ASN A 416 -39.84 -5.82 4.84
CA ASN A 416 -40.34 -6.84 3.93
C ASN A 416 -40.94 -8.05 4.66
N CYS A 417 -40.40 -8.43 5.82
CA CYS A 417 -40.94 -9.58 6.54
C CYS A 417 -42.39 -9.33 6.96
N CYS A 418 -42.67 -8.11 7.42
CA CYS A 418 -43.97 -7.56 7.76
C CYS A 418 -44.66 -7.21 6.44
N LYS A 419 -45.85 -6.58 6.48
CA LYS A 419 -46.55 -6.23 5.25
C LYS A 419 -46.84 -7.43 4.33
N ASP A 420 -47.61 -8.37 4.87
CA ASP A 420 -47.81 -9.64 4.18
C ASP A 420 -48.60 -9.37 2.90
N SER A 421 -47.89 -9.50 1.78
CA SER A 421 -48.25 -8.98 0.47
C SER A 421 -47.96 -10.05 -0.56
N ALA A 422 -48.47 -9.84 -1.77
CA ALA A 422 -48.28 -10.77 -2.87
C ALA A 422 -47.82 -10.01 -4.10
N PHE A 423 -46.93 -10.63 -4.87
CA PHE A 423 -46.18 -9.93 -5.90
C PHE A 423 -46.31 -10.64 -7.24
N GLU A 424 -46.15 -9.87 -8.31
CA GLU A 424 -46.09 -10.33 -9.68
C GLU A 424 -44.77 -9.89 -10.31
N ARG A 425 -44.48 -10.47 -11.47
CA ARG A 425 -43.28 -10.13 -12.25
C ARG A 425 -43.77 -9.33 -13.46
N LYS A 426 -43.80 -8.01 -13.29
CA LYS A 426 -44.16 -7.10 -14.37
C LYS A 426 -43.09 -7.14 -15.46
N ASN A 427 -43.54 -7.29 -16.71
CA ASN A 427 -42.60 -7.29 -17.83
C ASN A 427 -42.28 -5.84 -18.18
N ILE A 428 -41.00 -5.58 -18.47
CA ILE A 428 -40.54 -4.26 -18.90
C ILE A 428 -39.76 -4.30 -20.20
N THR A 429 -39.96 -5.34 -21.02
CA THR A 429 -39.11 -5.55 -22.19
C THR A 429 -39.37 -4.51 -23.28
N GLU A 430 -40.64 -4.13 -23.47
CA GLU A 430 -40.95 -3.04 -24.39
C GLU A 430 -40.43 -1.70 -23.88
N TYR A 431 -40.46 -1.50 -22.55
CA TYR A 431 -39.90 -0.27 -21.99
C TYR A 431 -38.40 -0.22 -22.23
N CYS A 432 -37.73 -1.37 -22.06
CA CYS A 432 -36.30 -1.44 -22.34
C CYS A 432 -35.99 -1.17 -23.80
N ARG A 433 -36.81 -1.70 -24.71
CA ARG A 433 -36.55 -1.49 -26.13
C ARG A 433 -36.77 -0.03 -26.53
N ASP A 434 -37.80 0.61 -25.96
CA ASP A 434 -37.99 2.04 -26.21
C ASP A 434 -36.81 2.87 -25.69
N LEU A 435 -36.32 2.56 -24.49
CA LEU A 435 -35.17 3.30 -23.98
C LEU A 435 -33.92 3.06 -24.84
N ILE A 436 -33.76 1.85 -25.38
CA ILE A 436 -32.63 1.58 -26.26
C ILE A 436 -32.77 2.36 -27.56
N LYS A 437 -33.98 2.48 -28.09
CA LYS A 437 -34.19 3.30 -29.27
C LYS A 437 -33.83 4.76 -28.99
N ILE A 438 -34.24 5.27 -27.83
CA ILE A 438 -33.87 6.64 -27.46
C ILE A 438 -32.35 6.78 -27.41
N LEU A 439 -31.66 5.79 -26.84
CA LEU A 439 -30.21 5.88 -26.74
C LEU A 439 -29.55 5.87 -28.11
N LYS A 440 -30.08 5.09 -29.05
CA LYS A 440 -29.51 5.08 -30.39
C LYS A 440 -29.77 6.40 -31.12
N GLN A 441 -30.96 6.97 -30.94
CA GLN A 441 -31.23 8.29 -31.50
C GLN A 441 -30.25 9.33 -30.98
N ALA A 442 -29.97 9.29 -29.67
CA ALA A 442 -29.01 10.22 -29.10
C ALA A 442 -27.60 9.95 -29.60
N GLU A 443 -27.24 8.67 -29.79
CA GLU A 443 -25.89 8.35 -30.24
C GLU A 443 -25.63 8.87 -31.65
N GLU A 444 -26.62 8.75 -32.54
CA GLU A 444 -26.42 9.32 -33.87
C GLU A 444 -26.50 10.85 -33.88
N LEU A 445 -27.12 11.46 -32.87
CA LEU A 445 -27.13 12.90 -32.72
C LEU A 445 -25.92 13.46 -31.99
N ASN A 446 -24.98 12.59 -31.56
CA ASN A 446 -23.73 13.02 -30.93
C ASN A 446 -23.97 13.85 -29.67
N GLU A 447 -24.80 13.32 -28.77
CA GLU A 447 -25.09 13.99 -27.51
C GLU A 447 -25.12 12.95 -26.39
N LYS A 448 -24.55 13.32 -25.24
CA LYS A 448 -24.52 12.46 -24.07
C LYS A 448 -25.76 12.70 -23.22
N LEU A 449 -26.32 11.61 -22.68
CA LEU A 449 -27.57 11.67 -21.93
C LEU A 449 -27.33 11.40 -20.44
N THR A 450 -27.67 12.38 -19.62
CA THR A 450 -27.81 12.16 -18.19
C THR A 450 -29.08 11.36 -17.92
N PRO A 451 -29.18 10.70 -16.77
CA PRO A 451 -30.43 9.98 -16.44
C PRO A 451 -31.64 10.89 -16.44
N LEU A 452 -31.49 12.14 -16.02
CA LEU A 452 -32.60 13.09 -16.06
C LEU A 452 -33.10 13.30 -17.48
N LYS A 453 -32.18 13.55 -18.42
CA LYS A 453 -32.59 13.79 -19.80
C LYS A 453 -33.23 12.55 -20.41
N LEU A 454 -32.71 11.36 -20.07
CA LEU A 454 -33.29 10.12 -20.59
C LEU A 454 -34.71 9.92 -20.06
N ILE A 455 -34.94 10.18 -18.77
CA ILE A 455 -36.28 9.99 -18.22
C ILE A 455 -37.22 11.07 -18.76
N ASP A 456 -36.69 12.24 -19.07
CA ASP A 456 -37.50 13.30 -19.66
C ASP A 456 -37.93 12.93 -21.07
N SER A 457 -37.01 12.34 -21.85
CA SER A 457 -37.36 11.85 -23.18
C SER A 457 -38.33 10.68 -23.11
N TRP A 458 -38.21 9.83 -22.09
CA TRP A 458 -39.13 8.70 -21.93
C TRP A 458 -40.54 9.18 -21.61
N MET A 459 -40.66 10.17 -20.71
CA MET A 459 -41.97 10.68 -20.33
C MET A 459 -42.55 11.65 -21.37
N GLY A 460 -41.74 12.15 -22.30
CA GLY A 460 -42.20 13.12 -23.26
C GLY A 460 -41.90 14.57 -22.91
N LYS A 461 -41.11 14.81 -21.88
CA LYS A 461 -40.72 16.14 -21.43
C LYS A 461 -39.37 16.53 -22.04
N GLY A 462 -38.86 17.68 -21.59
CA GLY A 462 -37.58 18.24 -22.00
C GLY A 462 -37.62 18.84 -23.40
N ALA A 463 -36.43 19.04 -23.96
CA ALA A 463 -36.36 19.64 -25.29
C ALA A 463 -36.84 18.64 -26.33
N ALA A 464 -37.61 19.13 -27.29
CA ALA A 464 -38.15 18.21 -28.29
C ALA A 464 -37.11 17.66 -29.25
N LYS A 465 -35.89 18.20 -29.28
CA LYS A 465 -34.92 17.58 -30.18
C LYS A 465 -34.45 16.22 -29.71
N LEU A 466 -34.65 15.88 -28.43
CA LEU A 466 -34.49 14.51 -27.93
C LEU A 466 -35.83 13.80 -27.88
N ARG A 467 -36.33 13.36 -29.03
CA ARG A 467 -37.59 12.61 -29.02
C ARG A 467 -37.54 11.43 -29.97
N VAL A 468 -38.35 10.43 -29.68
CA VAL A 468 -38.64 9.32 -30.59
C VAL A 468 -40.15 9.17 -30.69
N ALA A 469 -40.68 9.17 -31.91
CA ALA A 469 -42.13 9.15 -32.12
C ALA A 469 -42.76 7.81 -31.75
N GLY A 470 -42.00 6.71 -31.81
CA GLY A 470 -42.56 5.41 -31.51
C GLY A 470 -42.76 5.12 -30.03
N VAL A 471 -42.10 5.86 -29.16
CA VAL A 471 -42.15 5.62 -27.73
C VAL A 471 -43.42 6.23 -27.14
N VAL A 472 -44.21 5.40 -26.46
CA VAL A 472 -45.43 5.83 -25.79
C VAL A 472 -45.10 6.18 -24.34
N ALA A 473 -45.86 7.10 -23.75
CA ALA A 473 -45.66 7.43 -22.34
C ALA A 473 -46.00 6.21 -21.49
N PRO A 474 -45.18 5.86 -20.50
CA PRO A 474 -45.42 4.63 -19.73
C PRO A 474 -46.64 4.67 -18.83
N THR A 475 -47.36 5.79 -18.75
CA THR A 475 -48.53 6.01 -17.89
C THR A 475 -48.28 5.49 -16.48
N LEU A 476 -47.08 5.71 -15.96
CA LEU A 476 -46.68 5.28 -14.62
C LEU A 476 -46.13 6.45 -13.84
N PRO A 477 -46.15 6.38 -12.51
CA PRO A 477 -45.52 7.43 -11.70
C PRO A 477 -44.02 7.49 -11.95
N ARG A 478 -43.44 8.65 -11.63
CA ARG A 478 -42.03 8.89 -11.91
C ARG A 478 -41.12 7.99 -11.08
N GLU A 479 -41.52 7.70 -9.84
CA GLU A 479 -40.73 6.82 -8.99
C GLU A 479 -40.68 5.41 -9.57
N ASP A 480 -41.78 4.95 -10.16
CA ASP A 480 -41.78 3.65 -10.82
C ASP A 480 -40.87 3.65 -12.05
N LEU A 481 -40.87 4.75 -12.82
CA LEU A 481 -39.97 4.85 -13.96
C LEU A 481 -38.52 4.86 -13.53
N GLU A 482 -38.21 5.55 -12.43
CA GLU A 482 -36.85 5.51 -11.88
C GLU A 482 -36.47 4.10 -11.45
N LYS A 483 -37.41 3.37 -10.85
CA LYS A 483 -37.13 1.99 -10.47
C LYS A 483 -36.88 1.12 -11.71
N ILE A 484 -37.63 1.34 -12.78
CA ILE A 484 -37.44 0.57 -14.01
C ILE A 484 -36.07 0.86 -14.61
N ILE A 485 -35.67 2.13 -14.62
CA ILE A 485 -34.35 2.50 -15.13
C ILE A 485 -33.26 1.86 -14.28
N ALA A 486 -33.45 1.82 -12.96
CA ALA A 486 -32.47 1.20 -12.08
C ALA A 486 -32.38 -0.30 -12.34
N HIS A 487 -33.51 -0.95 -12.60
CA HIS A 487 -33.49 -2.38 -12.91
C HIS A 487 -32.72 -2.63 -14.20
N PHE A 488 -32.92 -1.78 -15.20
CA PHE A 488 -32.19 -1.94 -16.45
C PHE A 488 -30.68 -1.73 -16.24
N LEU A 489 -30.29 -0.76 -15.40
CA LEU A 489 -28.87 -0.50 -15.20
C LEU A 489 -28.19 -1.61 -14.40
N ILE A 490 -28.90 -2.21 -13.43
CA ILE A 490 -28.28 -3.27 -12.63
C ILE A 490 -28.00 -4.50 -13.49
N GLN A 491 -28.95 -4.87 -14.33
CA GLN A 491 -28.88 -6.05 -15.19
C GLN A 491 -27.97 -5.86 -16.39
N GLN A 492 -27.23 -4.75 -16.44
CA GLN A 492 -26.29 -4.45 -17.52
C GLN A 492 -26.96 -4.32 -18.88
N TYR A 493 -28.28 -4.11 -18.91
CA TYR A 493 -28.88 -3.64 -20.16
C TYR A 493 -28.53 -2.19 -20.40
N LEU A 494 -28.27 -1.43 -19.34
CA LEU A 494 -27.69 -0.10 -19.42
C LEU A 494 -26.41 -0.05 -18.60
N LYS A 495 -25.48 0.80 -19.02
CA LYS A 495 -24.22 0.97 -18.33
C LYS A 495 -23.96 2.46 -18.09
N GLU A 496 -23.02 2.73 -17.19
CA GLU A 496 -22.66 4.09 -16.81
C GLU A 496 -21.36 4.49 -17.51
N ASP A 497 -21.34 5.71 -18.06
CA ASP A 497 -20.16 6.28 -18.68
C ASP A 497 -19.83 7.58 -17.94
N TYR A 498 -18.62 7.66 -17.41
CA TYR A 498 -18.18 8.78 -16.59
C TYR A 498 -17.41 9.80 -17.40
N SER A 499 -17.81 11.07 -17.30
CA SER A 499 -17.11 12.16 -17.96
C SER A 499 -16.48 13.05 -16.89
N PHE A 500 -15.19 13.29 -17.03
CA PHE A 500 -14.44 14.10 -16.07
C PHE A 500 -14.46 15.55 -16.54
N THR A 501 -15.13 16.41 -15.77
CA THR A 501 -15.17 17.83 -16.06
C THR A 501 -14.39 18.60 -15.00
N ALA A 502 -14.34 19.92 -15.17
CA ALA A 502 -13.54 20.74 -14.27
C ALA A 502 -14.14 20.83 -12.87
N TYR A 503 -15.47 20.82 -12.76
CA TYR A 503 -16.04 20.96 -11.42
C TYR A 503 -16.19 19.62 -10.72
N ALA A 504 -16.65 18.59 -11.43
CA ALA A 504 -16.89 17.28 -10.86
C ALA A 504 -16.99 16.26 -11.98
N THR A 505 -17.06 15.00 -11.58
CA THR A 505 -17.31 13.89 -12.50
C THR A 505 -18.81 13.74 -12.70
N ILE A 506 -19.24 13.62 -13.95
CA ILE A 506 -20.64 13.47 -14.29
C ILE A 506 -20.87 12.06 -14.81
N SER A 507 -22.07 11.53 -14.56
CA SER A 507 -22.44 10.19 -14.96
C SER A 507 -23.49 10.26 -16.06
N TYR A 508 -23.24 9.58 -17.16
CA TYR A 508 -24.14 9.45 -18.29
C TYR A 508 -24.53 7.98 -18.46
N LEU A 509 -25.65 7.75 -19.14
CA LEU A 509 -26.18 6.42 -19.40
C LEU A 509 -25.93 6.02 -20.85
N LYS A 510 -25.42 4.80 -21.05
CA LYS A 510 -25.19 4.27 -22.39
C LYS A 510 -25.74 2.85 -22.47
N ILE A 511 -25.83 2.35 -23.71
CA ILE A 511 -26.34 1.01 -23.96
C ILE A 511 -25.44 -0.02 -23.30
N GLY A 512 -26.03 -0.86 -22.46
CA GLY A 512 -25.29 -1.89 -21.76
C GLY A 512 -24.90 -3.05 -22.66
N PRO A 513 -24.02 -3.90 -22.13
CA PRO A 513 -23.58 -5.06 -22.92
C PRO A 513 -24.67 -6.09 -23.18
N LYS A 514 -25.69 -6.21 -22.32
CA LYS A 514 -26.72 -7.22 -22.49
C LYS A 514 -27.85 -6.78 -23.42
N ALA A 515 -27.84 -5.54 -23.90
CA ALA A 515 -28.95 -5.04 -24.71
C ALA A 515 -29.08 -5.83 -26.02
N ASN A 516 -27.98 -6.41 -26.51
CA ASN A 516 -28.04 -7.19 -27.73
C ASN A 516 -28.93 -8.41 -27.56
N LEU A 517 -29.04 -8.93 -26.34
CA LEU A 517 -29.94 -10.06 -26.10
C LEU A 517 -31.40 -9.70 -26.36
N LEU A 518 -31.73 -8.41 -26.46
CA LEU A 518 -33.08 -8.01 -26.82
C LEU A 518 -33.40 -8.29 -28.28
N ASN A 519 -32.42 -8.69 -29.10
CA ASN A 519 -32.70 -9.04 -30.48
C ASN A 519 -33.68 -10.20 -30.58
N ASN A 520 -33.64 -11.12 -29.61
CA ASN A 520 -34.64 -12.17 -29.53
C ASN A 520 -35.97 -11.56 -29.12
N GLU A 521 -36.98 -11.69 -29.98
CA GLU A 521 -38.30 -11.13 -29.70
C GLU A 521 -38.98 -11.83 -28.53
N ALA A 522 -38.61 -13.08 -28.27
CA ALA A 522 -39.17 -13.85 -27.15
C ALA A 522 -38.51 -13.51 -25.82
N HIS A 523 -37.45 -12.71 -25.83
CA HIS A 523 -36.77 -12.35 -24.59
C HIS A 523 -37.66 -11.48 -23.72
N ALA A 524 -37.65 -11.79 -22.41
CA ALA A 524 -38.52 -11.13 -21.45
C ALA A 524 -37.71 -10.62 -20.27
N ILE A 525 -38.05 -9.43 -19.79
CA ILE A 525 -37.42 -8.80 -18.63
C ILE A 525 -38.52 -8.53 -17.61
N THR A 526 -38.35 -9.07 -16.41
CA THR A 526 -39.37 -8.97 -15.38
C THR A 526 -38.81 -8.31 -14.11
N MET A 527 -39.71 -7.67 -13.36
CA MET A 527 -39.39 -7.05 -12.08
C MET A 527 -40.53 -7.26 -11.10
N GLN A 528 -40.17 -7.47 -9.82
CA GLN A 528 -41.18 -7.69 -8.78
C GLN A 528 -41.98 -6.42 -8.50
N VAL A 529 -43.30 -6.53 -8.52
CA VAL A 529 -44.19 -5.44 -8.14
C VAL A 529 -45.34 -6.00 -7.30
N THR A 530 -45.80 -5.22 -6.33
CA THR A 530 -46.93 -5.62 -5.49
C THR A 530 -48.24 -5.58 -6.27
N LYS A 531 -49.15 -6.50 -5.92
CA LYS A 531 -50.46 -6.54 -6.58
C LYS A 531 -51.43 -5.57 -5.91
N ASP B 1 1.96 -16.82 -20.94
CA ASP B 1 2.97 -16.13 -21.72
C ASP B 1 2.93 -16.57 -23.19
N SER B 2 2.25 -15.80 -24.03
CA SER B 2 2.24 -16.09 -25.45
C SER B 2 3.62 -15.89 -26.05
N SER B 3 3.93 -16.67 -27.08
CA SER B 3 5.27 -16.72 -27.65
C SER B 3 5.65 -15.41 -28.31
N PRO B 4 6.73 -14.76 -27.88
CA PRO B 4 7.16 -13.52 -28.54
C PRO B 4 7.88 -13.75 -29.85
N ALA B 5 8.31 -14.99 -30.12
CA ALA B 5 9.05 -15.29 -31.33
C ALA B 5 8.23 -14.99 -32.57
N ALA B 6 6.90 -15.06 -32.46
CA ALA B 6 6.03 -14.78 -33.60
C ALA B 6 6.06 -13.30 -33.99
N TRP B 7 6.47 -12.43 -33.08
CA TRP B 7 6.51 -10.99 -33.31
C TRP B 7 7.90 -10.48 -33.68
N ASN B 8 8.89 -11.36 -33.73
CA ASN B 8 10.26 -10.98 -34.09
C ASN B 8 10.40 -10.93 -35.62
N LYS B 9 9.70 -9.96 -36.21
CA LYS B 9 9.74 -9.77 -37.65
C LYS B 9 9.41 -8.33 -37.98
N GLU B 10 9.79 -7.92 -39.19
CA GLU B 10 9.56 -6.57 -39.68
C GLU B 10 8.73 -6.60 -40.95
N ASP B 11 7.69 -7.44 -40.97
CA ASP B 11 6.78 -7.56 -42.10
C ASP B 11 5.46 -6.81 -41.89
N PHE B 12 5.34 -6.08 -40.78
CA PHE B 12 4.11 -5.36 -40.48
C PHE B 12 4.00 -4.08 -41.31
N PRO B 13 2.77 -3.56 -41.48
CA PRO B 13 2.61 -2.31 -42.23
C PRO B 13 3.34 -1.11 -41.64
N TRP B 14 3.71 -1.16 -40.36
CA TRP B 14 4.46 -0.07 -39.72
C TRP B 14 5.95 -0.36 -39.60
N SER B 15 6.44 -1.45 -40.19
CA SER B 15 7.83 -1.85 -39.94
C SER B 15 8.83 -0.83 -40.51
N GLY B 16 8.57 -0.32 -41.71
CA GLY B 16 9.47 0.67 -42.29
C GLY B 16 9.56 1.93 -41.45
N LYS B 17 8.42 2.41 -40.97
CA LYS B 17 8.41 3.60 -40.12
C LYS B 17 9.18 3.35 -38.84
N VAL B 18 9.04 2.14 -38.27
CA VAL B 18 9.74 1.80 -37.04
C VAL B 18 11.26 1.78 -37.27
N LYS B 19 11.69 1.16 -38.36
CA LYS B 19 13.13 1.13 -38.68
C LYS B 19 13.66 2.54 -38.90
N ASP B 20 12.89 3.37 -39.60
CA ASP B 20 13.30 4.74 -39.86
C ASP B 20 13.44 5.52 -38.56
N ILE B 21 12.47 5.39 -37.66
CA ILE B 21 12.53 6.12 -36.39
C ILE B 21 13.68 5.60 -35.54
N LEU B 22 13.94 4.29 -35.57
CA LEU B 22 15.01 3.73 -34.75
C LEU B 22 16.36 4.22 -35.22
N GLN B 23 16.61 4.21 -36.53
CA GLN B 23 17.94 4.54 -36.99
C GLN B 23 18.17 6.04 -37.13
N ASN B 24 17.19 6.76 -37.66
CA ASN B 24 17.38 8.18 -37.96
C ASN B 24 17.11 9.10 -36.78
N VAL B 25 16.18 8.76 -35.88
CA VAL B 25 15.86 9.61 -34.75
C VAL B 25 16.64 9.22 -33.50
N PHE B 26 16.57 7.95 -33.12
CA PHE B 26 17.25 7.52 -31.91
C PHE B 26 18.72 7.21 -32.15
N LYS B 27 19.15 7.24 -33.41
CA LYS B 27 20.55 7.01 -33.78
C LYS B 27 21.04 5.67 -33.26
N LEU B 28 20.18 4.65 -33.36
CA LEU B 28 20.59 3.30 -33.01
C LEU B 28 20.50 2.43 -34.26
N GLU B 29 21.42 1.48 -34.37
CA GLU B 29 21.46 0.65 -35.57
C GLU B 29 20.44 -0.48 -35.50
N LYS B 30 20.54 -1.33 -34.48
CA LYS B 30 19.73 -2.53 -34.34
C LYS B 30 18.91 -2.47 -33.05
N PHE B 31 17.81 -3.25 -33.06
CA PHE B 31 17.00 -3.44 -31.88
C PHE B 31 17.64 -4.47 -30.95
N ARG B 32 17.62 -4.16 -29.65
CA ARG B 32 18.00 -5.15 -28.65
C ARG B 32 16.89 -6.20 -28.53
N PRO B 33 17.20 -7.38 -27.96
CA PRO B 33 16.18 -8.42 -27.89
C PRO B 33 14.92 -7.93 -27.19
N LEU B 34 13.78 -8.37 -27.72
CA LEU B 34 12.42 -8.13 -27.23
C LEU B 34 11.99 -6.68 -27.43
N GLN B 35 12.85 -5.82 -27.97
CA GLN B 35 12.42 -4.47 -28.30
C GLN B 35 11.50 -4.48 -29.50
N LEU B 36 11.92 -5.16 -30.57
CA LEU B 36 11.09 -5.22 -31.77
C LEU B 36 9.75 -5.87 -31.49
N GLU B 37 9.74 -6.96 -30.72
CA GLU B 37 8.47 -7.62 -30.41
C GLU B 37 7.56 -6.73 -29.56
N THR B 38 8.11 -6.08 -28.53
CA THR B 38 7.27 -5.23 -27.69
C THR B 38 6.74 -4.04 -28.46
N ILE B 39 7.57 -3.42 -29.30
CA ILE B 39 7.12 -2.30 -30.12
C ILE B 39 6.06 -2.74 -31.12
N ASN B 40 6.22 -3.93 -31.71
CA ASN B 40 5.24 -4.42 -32.67
C ASN B 40 3.91 -4.71 -31.99
N VAL B 41 3.93 -5.27 -30.79
CA VAL B 41 2.68 -5.51 -30.07
C VAL B 41 2.03 -4.18 -29.68
N THR B 42 2.84 -3.20 -29.27
CA THR B 42 2.28 -1.90 -28.91
C THR B 42 1.65 -1.22 -30.12
N MET B 43 2.29 -1.34 -31.29
CA MET B 43 1.71 -0.77 -32.49
C MET B 43 0.50 -1.55 -32.99
N ALA B 44 0.37 -2.82 -32.61
CA ALA B 44 -0.81 -3.58 -32.99
C ALA B 44 -2.02 -3.30 -32.11
N GLY B 45 -1.92 -2.35 -31.19
CA GLY B 45 -3.02 -1.97 -30.32
C GLY B 45 -3.29 -2.90 -29.15
N LYS B 46 -2.40 -3.85 -28.88
CA LYS B 46 -2.57 -4.79 -27.77
C LYS B 46 -1.82 -4.32 -26.53
N GLU B 47 -2.38 -4.63 -25.37
CA GLU B 47 -1.70 -4.36 -24.11
C GLU B 47 -0.55 -5.35 -23.92
N VAL B 48 0.53 -4.87 -23.31
CA VAL B 48 1.76 -5.66 -23.19
C VAL B 48 2.46 -5.32 -21.89
N PHE B 49 3.09 -6.33 -21.28
CA PHE B 49 3.98 -6.15 -20.15
C PHE B 49 5.40 -6.55 -20.56
N LEU B 50 6.38 -5.74 -20.14
CA LEU B 50 7.78 -5.93 -20.50
C LEU B 50 8.62 -6.05 -19.22
N VAL B 51 9.21 -7.22 -19.01
CA VAL B 51 10.12 -7.45 -17.89
C VAL B 51 11.54 -7.36 -18.44
N MET B 52 12.19 -6.23 -18.22
CA MET B 52 13.54 -6.01 -18.70
C MET B 52 14.36 -5.39 -17.58
N PRO B 53 15.58 -5.86 -17.34
CA PRO B 53 16.42 -5.27 -16.29
C PRO B 53 16.71 -3.79 -16.57
N THR B 54 16.98 -3.07 -15.49
CA THR B 54 17.22 -1.63 -15.57
C THR B 54 18.44 -1.34 -16.44
N GLY B 55 18.29 -0.38 -17.36
CA GLY B 55 19.31 -0.15 -18.36
C GLY B 55 19.15 -0.99 -19.61
N GLY B 56 18.14 -1.86 -19.66
CA GLY B 56 17.96 -2.77 -20.77
C GLY B 56 17.43 -2.12 -22.04
N GLY B 57 16.80 -0.95 -21.93
CA GLY B 57 16.14 -0.34 -23.06
C GLY B 57 14.62 -0.36 -22.99
N LYS B 58 14.09 -0.25 -21.78
CA LYS B 58 12.65 -0.21 -21.59
C LYS B 58 12.05 1.08 -22.13
N SER B 59 12.83 2.18 -22.09
CA SER B 59 12.27 3.47 -22.48
C SER B 59 11.94 3.49 -23.98
N LEU B 60 12.83 2.97 -24.81
CA LEU B 60 12.60 2.93 -26.24
C LEU B 60 11.27 2.26 -26.58
N CYS B 61 10.93 1.19 -25.87
CA CYS B 61 9.75 0.37 -26.17
C CYS B 61 8.44 1.14 -26.06
N TYR B 62 8.43 2.32 -25.43
CA TYR B 62 7.27 3.20 -25.48
C TYR B 62 7.58 4.56 -26.06
N GLN B 63 8.86 4.93 -26.21
CA GLN B 63 9.18 6.22 -26.83
C GLN B 63 9.10 6.13 -28.35
N LEU B 64 9.56 5.01 -28.94
CA LEU B 64 9.49 4.87 -30.38
C LEU B 64 8.04 4.73 -30.86
N PRO B 65 7.18 3.91 -30.23
CA PRO B 65 5.77 3.89 -30.65
C PRO B 65 5.10 5.25 -30.54
N ALA B 66 5.56 6.09 -29.60
CA ALA B 66 5.00 7.43 -29.47
C ALA B 66 5.19 8.23 -30.75
N LEU B 67 6.39 8.19 -31.32
CA LEU B 67 6.64 8.88 -32.59
C LEU B 67 6.09 8.11 -33.79
N CYS B 68 5.75 6.83 -33.63
CA CYS B 68 5.21 6.08 -34.76
C CYS B 68 3.72 6.31 -34.98
N SER B 69 3.08 7.18 -34.18
CA SER B 69 1.66 7.45 -34.34
C SER B 69 1.39 8.91 -33.97
N ASP B 70 0.24 9.41 -34.42
CA ASP B 70 -0.11 10.80 -34.18
C ASP B 70 -0.46 11.02 -32.71
N GLY B 71 -0.04 12.16 -32.19
CA GLY B 71 -0.33 12.55 -30.83
C GLY B 71 0.80 12.26 -29.87
N PHE B 72 0.51 12.41 -28.59
CA PHE B 72 1.46 12.19 -27.51
C PHE B 72 1.15 10.87 -26.82
N THR B 73 1.98 10.54 -25.82
CA THR B 73 1.86 9.31 -25.06
C THR B 73 2.01 9.64 -23.60
N LEU B 74 1.04 9.20 -22.81
CA LEU B 74 1.08 9.42 -21.36
C LEU B 74 1.93 8.35 -20.70
N VAL B 75 2.82 8.78 -19.82
CA VAL B 75 3.72 7.89 -19.09
C VAL B 75 3.47 8.09 -17.61
N ILE B 76 3.38 6.99 -16.87
CA ILE B 76 3.17 7.01 -15.44
C ILE B 76 4.50 6.71 -14.79
N CYS B 77 5.03 7.66 -14.03
CA CYS B 77 6.32 7.49 -13.40
C CYS B 77 6.19 7.81 -11.91
N PRO B 78 6.77 6.99 -11.04
CA PRO B 78 6.61 7.20 -9.60
C PRO B 78 7.57 8.21 -9.01
N LEU B 79 8.71 8.46 -9.65
CA LEU B 79 9.73 9.34 -9.11
C LEU B 79 10.03 10.45 -10.10
N ILE B 80 10.53 11.57 -9.55
CA ILE B 80 10.84 12.72 -10.39
C ILE B 80 12.20 12.55 -11.07
N SER B 81 13.13 11.84 -10.43
CA SER B 81 14.46 11.66 -11.00
C SER B 81 14.40 10.85 -12.30
N LEU B 82 13.58 9.80 -12.34
CA LEU B 82 13.41 9.04 -13.57
C LEU B 82 12.80 9.91 -14.66
N MET B 83 11.80 10.73 -14.31
CA MET B 83 11.22 11.62 -15.30
C MET B 83 12.27 12.59 -15.85
N GLU B 84 13.13 13.10 -14.97
CA GLU B 84 14.17 14.03 -15.41
C GLU B 84 15.18 13.35 -16.33
N ASP B 85 15.56 12.12 -16.02
CA ASP B 85 16.51 11.41 -16.89
C ASP B 85 15.90 11.13 -18.26
N GLN B 86 14.64 10.70 -18.30
CA GLN B 86 13.99 10.51 -19.58
C GLN B 86 13.91 11.82 -20.36
N LEU B 87 13.64 12.92 -19.65
CA LEU B 87 13.56 14.21 -20.32
C LEU B 87 14.92 14.64 -20.86
N MET B 88 16.00 14.36 -20.13
CA MET B 88 17.33 14.67 -20.67
C MET B 88 17.62 13.86 -21.92
N VAL B 89 17.30 12.57 -21.90
CA VAL B 89 17.56 11.74 -23.08
C VAL B 89 16.76 12.26 -24.27
N LEU B 90 15.49 12.62 -24.04
CA LEU B 90 14.66 13.08 -25.15
C LEU B 90 15.07 14.46 -25.64
N LYS B 91 15.56 15.33 -24.74
CA LYS B 91 16.01 16.65 -25.18
C LYS B 91 17.30 16.55 -25.98
N GLN B 92 18.22 15.66 -25.56
CA GLN B 92 19.41 15.43 -26.38
C GLN B 92 19.02 14.85 -27.73
N LEU B 93 17.98 14.00 -27.75
CA LEU B 93 17.50 13.44 -29.01
C LEU B 93 16.53 14.35 -29.73
N GLY B 94 16.20 15.51 -29.17
CA GLY B 94 15.34 16.45 -29.86
C GLY B 94 13.87 16.09 -29.88
N ILE B 95 13.42 15.24 -28.97
CA ILE B 95 12.02 14.80 -28.92
C ILE B 95 11.29 15.65 -27.88
N SER B 96 10.15 16.22 -28.28
CA SER B 96 9.39 17.06 -27.38
C SER B 96 8.70 16.22 -26.31
N ALA B 97 8.96 16.55 -25.05
CA ALA B 97 8.33 15.86 -23.93
C ALA B 97 8.26 16.82 -22.75
N THR B 98 7.39 16.50 -21.79
CA THR B 98 7.26 17.31 -20.59
C THR B 98 6.86 16.41 -19.43
N MET B 99 6.88 16.98 -18.22
CA MET B 99 6.49 16.23 -17.04
C MET B 99 5.66 17.10 -16.12
N LEU B 100 4.90 16.43 -15.25
CA LEU B 100 4.06 17.07 -14.26
C LEU B 100 4.20 16.33 -12.93
N ASN B 101 4.34 17.11 -11.88
CA ASN B 101 4.43 16.61 -10.51
C ASN B 101 3.77 17.65 -9.60
N ALA B 102 3.88 17.45 -8.30
CA ALA B 102 3.27 18.37 -7.36
C ALA B 102 3.97 19.73 -7.33
N SER B 103 5.25 19.79 -7.68
CA SER B 103 6.04 21.02 -7.58
C SER B 103 6.00 21.85 -8.86
N SER B 104 5.19 21.49 -9.84
CA SER B 104 5.09 22.27 -11.07
C SER B 104 4.38 23.60 -10.82
N SER B 105 4.80 24.61 -11.57
CA SER B 105 4.25 25.96 -11.44
C SER B 105 2.88 26.03 -12.13
N LYS B 106 2.20 27.16 -11.92
CA LYS B 106 0.87 27.31 -12.51
C LYS B 106 0.95 27.54 -14.01
N GLU B 107 1.89 28.38 -14.45
CA GLU B 107 2.04 28.60 -15.89
C GLU B 107 2.41 27.31 -16.61
N HIS B 108 3.26 26.49 -15.99
CA HIS B 108 3.63 25.23 -16.64
C HIS B 108 2.45 24.27 -16.71
N VAL B 109 1.64 24.21 -15.64
CA VAL B 109 0.45 23.37 -15.66
C VAL B 109 -0.53 23.85 -16.73
N LYS B 110 -0.69 25.17 -16.84
CA LYS B 110 -1.61 25.70 -17.85
C LYS B 110 -1.11 25.43 -19.25
N TRP B 111 0.20 25.55 -19.47
CA TRP B 111 0.75 25.21 -20.78
C TRP B 111 0.55 23.74 -21.11
N VAL B 112 0.73 22.85 -20.13
CA VAL B 112 0.52 21.43 -20.39
C VAL B 112 -0.94 21.13 -20.66
N HIS B 113 -1.85 21.72 -19.86
CA HIS B 113 -3.28 21.50 -20.07
C HIS B 113 -3.73 22.02 -21.43
N ALA B 114 -3.17 23.14 -21.89
CA ALA B 114 -3.54 23.63 -23.21
C ALA B 114 -2.92 22.78 -24.31
N GLU B 115 -1.68 22.31 -24.10
CA GLU B 115 -1.01 21.52 -25.11
C GLU B 115 -1.66 20.16 -25.28
N MET B 116 -2.30 19.64 -24.23
CA MET B 116 -3.00 18.35 -24.35
C MET B 116 -4.13 18.43 -25.37
N VAL B 117 -4.88 19.53 -25.37
CA VAL B 117 -5.99 19.70 -26.29
C VAL B 117 -5.58 20.38 -27.57
N ASN B 118 -4.33 20.81 -27.69
CA ASN B 118 -3.88 21.50 -28.89
C ASN B 118 -3.81 20.53 -30.07
N LYS B 119 -4.36 20.95 -31.21
CA LYS B 119 -4.33 20.11 -32.40
C LYS B 119 -2.92 20.03 -32.97
N ASN B 120 -2.18 21.15 -32.95
CA ASN B 120 -0.85 21.23 -33.55
C ASN B 120 0.26 21.12 -32.50
N SER B 121 -0.02 20.53 -31.35
CA SER B 121 1.01 20.37 -30.34
C SER B 121 2.07 19.37 -30.79
N GLU B 122 3.33 19.67 -30.48
CA GLU B 122 4.44 18.80 -30.80
C GLU B 122 4.80 17.84 -29.66
N LEU B 123 4.08 17.88 -28.55
CA LEU B 123 4.39 17.00 -27.43
C LEU B 123 4.17 15.55 -27.81
N LYS B 124 5.08 14.68 -27.38
CA LYS B 124 4.99 13.26 -27.66
C LYS B 124 5.04 12.38 -26.41
N LEU B 125 5.63 12.86 -25.32
CA LEU B 125 5.69 12.12 -24.06
C LEU B 125 5.35 13.07 -22.92
N ILE B 126 4.35 12.69 -22.13
CA ILE B 126 3.96 13.46 -20.96
C ILE B 126 4.11 12.53 -19.76
N TYR B 127 5.15 12.76 -18.95
CA TYR B 127 5.39 11.97 -17.76
C TYR B 127 4.64 12.60 -16.60
N VAL B 128 3.92 11.78 -15.83
CA VAL B 128 3.13 12.27 -14.71
C VAL B 128 3.26 11.33 -13.53
N THR B 129 3.05 11.89 -12.35
CA THR B 129 2.98 11.10 -11.13
C THR B 129 1.58 10.49 -11.03
N PRO B 130 1.45 9.35 -10.33
CA PRO B 130 0.13 8.70 -10.27
C PRO B 130 -0.94 9.52 -9.57
N GLU B 131 -0.56 10.41 -8.66
CA GLU B 131 -1.55 11.26 -7.99
C GLU B 131 -2.29 12.13 -9.00
N LYS B 132 -1.59 12.58 -10.05
CA LYS B 132 -2.20 13.43 -11.08
C LYS B 132 -3.34 12.71 -11.78
N ILE B 133 -3.36 11.38 -11.76
CA ILE B 133 -4.48 10.65 -12.35
C ILE B 133 -5.66 10.61 -11.38
N ALA B 134 -5.38 10.45 -10.09
CA ALA B 134 -6.41 10.17 -9.10
C ALA B 134 -7.00 11.43 -8.47
N LYS B 135 -6.19 12.47 -8.26
CA LYS B 135 -6.57 13.64 -7.47
C LYS B 135 -6.35 14.93 -8.25
N SER B 136 -6.77 14.93 -9.52
CA SER B 136 -6.73 16.15 -10.33
C SER B 136 -7.86 16.06 -11.36
N LYS B 137 -8.95 16.79 -11.11
CA LYS B 137 -10.08 16.76 -12.04
C LYS B 137 -9.77 17.54 -13.31
N MET B 138 -8.94 18.58 -13.23
CA MET B 138 -8.53 19.30 -14.44
C MET B 138 -7.67 18.41 -15.33
N PHE B 139 -6.72 17.67 -14.73
CA PHE B 139 -5.89 16.76 -15.51
C PHE B 139 -6.71 15.67 -16.18
N MET B 140 -7.69 15.11 -15.45
CA MET B 140 -8.54 14.07 -16.04
C MET B 140 -9.45 14.64 -17.11
N SER B 141 -9.93 15.86 -16.93
CA SER B 141 -10.76 16.51 -17.95
C SER B 141 -9.94 16.77 -19.22
N ARG B 142 -8.73 17.29 -19.06
CA ARG B 142 -7.86 17.54 -20.21
C ARG B 142 -7.52 16.23 -20.91
N LEU B 143 -7.30 15.17 -20.13
CA LEU B 143 -6.98 13.86 -20.70
C LEU B 143 -8.18 13.29 -21.46
N GLU B 144 -9.39 13.46 -20.92
CA GLU B 144 -10.60 13.00 -21.60
C GLU B 144 -10.83 13.78 -22.89
N LYS B 145 -10.63 15.10 -22.86
CA LYS B 145 -10.74 15.92 -24.07
C LYS B 145 -9.72 15.48 -25.12
N ALA B 146 -8.50 15.17 -24.68
CA ALA B 146 -7.46 14.71 -25.60
C ALA B 146 -7.78 13.34 -26.16
N TYR B 147 -8.40 12.47 -25.36
CA TYR B 147 -8.72 11.13 -25.83
C TYR B 147 -9.84 11.15 -26.86
N GLU B 148 -10.92 11.89 -26.58
CA GLU B 148 -12.03 11.92 -27.52
C GLU B 148 -11.68 12.68 -28.80
N ALA B 149 -10.68 13.54 -28.75
CA ALA B 149 -10.17 14.25 -29.92
C ALA B 149 -9.04 13.48 -30.61
N ARG B 150 -8.79 12.23 -30.19
CA ARG B 150 -7.73 11.38 -30.74
C ARG B 150 -6.35 12.03 -30.62
N ARG B 151 -6.12 12.74 -29.50
CA ARG B 151 -4.82 13.35 -29.27
C ARG B 151 -3.80 12.40 -28.61
N PHE B 152 -4.24 11.35 -27.92
CA PHE B 152 -3.29 10.36 -27.41
C PHE B 152 -3.90 8.97 -27.45
N THR B 153 -3.08 8.00 -27.86
CA THR B 153 -3.56 6.64 -28.10
C THR B 153 -2.84 5.54 -27.33
N ARG B 154 -1.76 5.83 -26.63
CA ARG B 154 -1.03 4.79 -25.92
C ARG B 154 -0.59 5.30 -24.56
N ILE B 155 -0.52 4.37 -23.61
CA ILE B 155 -0.18 4.66 -22.23
C ILE B 155 0.97 3.76 -21.83
N ALA B 156 1.93 4.31 -21.10
CA ALA B 156 3.07 3.57 -20.57
C ALA B 156 3.05 3.70 -19.05
N VAL B 157 3.10 2.57 -18.36
CA VAL B 157 3.12 2.55 -16.91
C VAL B 157 4.49 2.02 -16.49
N ASP B 158 5.39 2.93 -16.14
CA ASP B 158 6.69 2.54 -15.63
C ASP B 158 6.56 1.98 -14.23
N GLU B 159 7.35 0.96 -13.91
CA GLU B 159 7.27 0.25 -12.64
C GLU B 159 5.86 -0.29 -12.42
N VAL B 160 5.38 -1.07 -13.40
CA VAL B 160 4.02 -1.60 -13.35
C VAL B 160 3.83 -2.52 -12.16
N HIS B 161 4.92 -3.12 -11.66
CA HIS B 161 4.83 -4.01 -10.50
C HIS B 161 4.27 -3.30 -9.28
N CYS B 162 4.29 -1.96 -9.24
CA CYS B 162 3.70 -1.27 -8.11
C CYS B 162 2.19 -1.40 -8.09
N CYS B 163 1.56 -1.75 -9.22
CA CYS B 163 0.12 -1.98 -9.24
C CYS B 163 -0.31 -3.23 -8.49
N SER B 164 0.58 -4.20 -8.27
CA SER B 164 0.11 -5.40 -7.58
C SER B 164 -0.33 -5.02 -6.19
N GLN B 165 -1.55 -5.42 -5.80
CA GLN B 165 -1.76 -5.57 -4.38
C GLN B 165 -1.29 -6.95 -3.92
N TRP B 166 -0.05 -7.35 -4.18
CA TRP B 166 0.80 -8.04 -3.23
C TRP B 166 2.21 -7.48 -3.15
N GLY B 167 2.63 -6.63 -4.10
CA GLY B 167 4.05 -6.36 -4.32
C GLY B 167 4.77 -5.66 -3.17
N HIS B 168 6.10 -5.60 -3.29
CA HIS B 168 6.87 -4.85 -2.31
C HIS B 168 6.55 -3.36 -2.35
N ASP B 169 6.39 -2.81 -3.55
CA ASP B 169 5.95 -1.43 -3.74
C ASP B 169 4.43 -1.38 -3.95
N PHE B 170 3.64 -1.75 -2.94
CA PHE B 170 2.21 -1.79 -3.22
C PHE B 170 1.65 -0.45 -3.67
N ARG B 171 2.29 0.68 -3.28
CA ARG B 171 1.95 1.97 -3.89
C ARG B 171 0.46 2.24 -4.03
N PRO B 172 -0.27 2.44 -2.94
CA PRO B 172 -1.74 2.51 -3.02
C PRO B 172 -2.22 3.51 -4.07
N ASP B 173 -1.40 4.52 -4.39
CA ASP B 173 -1.74 5.41 -5.48
C ASP B 173 -1.94 4.63 -6.78
N TYR B 174 -1.09 3.63 -7.01
CA TYR B 174 -1.19 2.80 -8.21
C TYR B 174 -2.54 2.09 -8.31
N LYS B 175 -3.25 1.94 -7.18
CA LYS B 175 -4.55 1.27 -7.25
C LYS B 175 -5.47 1.99 -8.21
N ALA B 176 -5.38 3.32 -8.30
CA ALA B 176 -6.35 4.00 -9.15
C ALA B 176 -6.01 3.91 -10.64
N LEU B 177 -4.86 3.35 -11.00
CA LEU B 177 -4.48 3.38 -12.41
C LEU B 177 -5.42 2.56 -13.29
N GLY B 178 -6.26 1.71 -12.69
CA GLY B 178 -7.26 0.99 -13.46
C GLY B 178 -8.25 1.89 -14.16
N ILE B 179 -8.37 3.14 -13.72
CA ILE B 179 -9.28 4.04 -14.41
C ILE B 179 -8.82 4.31 -15.83
N LEU B 180 -7.50 4.25 -16.08
CA LEU B 180 -6.99 4.62 -17.40
C LEU B 180 -7.63 3.77 -18.50
N LYS B 181 -7.44 2.45 -18.45
CA LYS B 181 -8.08 1.60 -19.45
C LYS B 181 -9.59 1.62 -19.35
N ARG B 182 -10.15 2.02 -18.21
CA ARG B 182 -11.60 2.10 -18.14
C ARG B 182 -12.11 3.35 -18.83
N GLN B 183 -11.31 4.41 -18.85
CA GLN B 183 -11.74 5.64 -19.47
C GLN B 183 -11.20 5.82 -20.88
N PHE B 184 -10.08 5.18 -21.17
CA PHE B 184 -9.44 5.25 -22.48
C PHE B 184 -9.17 3.84 -22.96
N PRO B 185 -10.21 3.11 -23.38
CA PRO B 185 -10.02 1.69 -23.75
C PRO B 185 -9.27 1.50 -25.06
N ASN B 186 -9.38 2.46 -25.99
CA ASN B 186 -8.70 2.34 -27.28
C ASN B 186 -7.21 2.60 -27.18
N ALA B 187 -6.73 3.02 -26.01
CA ALA B 187 -5.33 3.35 -25.79
C ALA B 187 -4.59 2.08 -25.39
N SER B 188 -3.57 1.72 -26.17
CA SER B 188 -2.83 0.51 -25.86
C SER B 188 -1.92 0.76 -24.66
N LEU B 189 -1.97 -0.13 -23.69
CA LEU B 189 -1.21 0.04 -22.45
C LEU B 189 0.01 -0.85 -22.50
N ILE B 190 1.15 -0.29 -22.10
CA ILE B 190 2.39 -1.03 -21.99
C ILE B 190 2.93 -0.80 -20.58
N GLY B 191 3.01 -1.87 -19.80
CA GLY B 191 3.61 -1.83 -18.48
C GLY B 191 5.07 -2.24 -18.55
N LEU B 192 5.90 -1.56 -17.78
CA LEU B 192 7.33 -1.86 -17.78
C LEU B 192 7.77 -2.14 -16.35
N THR B 193 8.64 -3.15 -16.20
CA THR B 193 9.15 -3.46 -14.87
C THR B 193 10.44 -4.24 -15.00
N ALA B 194 11.25 -4.19 -13.95
CA ALA B 194 12.48 -4.97 -13.84
C ALA B 194 12.42 -6.04 -12.75
N THR B 195 11.68 -5.79 -11.67
CA THR B 195 11.44 -6.78 -10.63
C THR B 195 10.01 -7.29 -10.79
N ALA B 196 9.85 -8.54 -11.23
CA ALA B 196 8.54 -9.04 -11.63
C ALA B 196 8.42 -10.53 -11.37
N THR B 197 7.67 -10.91 -10.35
CA THR B 197 7.20 -12.28 -10.21
C THR B 197 5.89 -12.44 -10.98
N ASN B 198 5.61 -13.70 -11.35
CA ASN B 198 4.44 -13.98 -12.19
C ASN B 198 3.14 -13.55 -11.51
N HIS B 199 2.99 -13.87 -10.22
CA HIS B 199 1.78 -13.51 -9.49
C HIS B 199 1.66 -11.99 -9.37
N VAL B 200 2.78 -11.30 -9.19
CA VAL B 200 2.78 -9.83 -9.16
C VAL B 200 2.26 -9.27 -10.49
N LEU B 201 2.75 -9.82 -11.61
CA LEU B 201 2.38 -9.29 -12.92
C LEU B 201 0.91 -9.57 -13.24
N THR B 202 0.44 -10.77 -12.90
CA THR B 202 -0.97 -11.08 -13.12
C THR B 202 -1.88 -10.21 -12.26
N ASP B 203 -1.49 -9.99 -11.01
CA ASP B 203 -2.32 -9.14 -10.13
C ASP B 203 -2.33 -7.70 -10.63
N ALA B 204 -1.18 -7.20 -11.10
CA ALA B 204 -1.13 -5.86 -11.68
C ALA B 204 -2.01 -5.77 -12.92
N GLN B 205 -2.04 -6.85 -13.71
CA GLN B 205 -2.95 -6.90 -14.86
C GLN B 205 -4.40 -6.81 -14.41
N LYS B 206 -4.75 -7.49 -13.32
CA LYS B 206 -6.11 -7.41 -12.80
C LYS B 206 -6.45 -5.99 -12.37
N ILE B 207 -5.52 -5.31 -11.68
CA ILE B 207 -5.81 -3.97 -11.20
C ILE B 207 -5.97 -2.99 -12.36
N LEU B 208 -5.11 -3.10 -13.38
CA LEU B 208 -5.19 -2.23 -14.56
C LEU B 208 -6.38 -2.54 -15.49
N CYS B 209 -7.28 -3.47 -15.16
CA CYS B 209 -8.46 -3.76 -15.97
C CYS B 209 -8.10 -4.20 -17.39
N ILE B 210 -7.22 -5.19 -17.49
CA ILE B 210 -6.81 -5.75 -18.78
C ILE B 210 -7.21 -7.22 -18.82
N GLU B 211 -7.86 -7.63 -19.93
CA GLU B 211 -8.27 -9.03 -20.04
C GLU B 211 -7.23 -9.86 -20.79
N LYS B 212 -6.88 -9.48 -22.01
CA LYS B 212 -5.80 -10.11 -22.76
C LYS B 212 -4.58 -9.20 -22.77
N CYS B 213 -3.42 -9.78 -22.48
CA CYS B 213 -2.18 -8.99 -22.42
C CYS B 213 -0.99 -9.90 -22.60
N PHE B 214 -0.15 -9.62 -23.60
CA PHE B 214 1.10 -10.34 -23.77
C PHE B 214 2.07 -10.00 -22.63
N THR B 215 2.97 -10.93 -22.35
CA THR B 215 3.97 -10.74 -21.31
C THR B 215 5.32 -11.22 -21.83
N PHE B 216 6.22 -10.28 -22.10
CA PHE B 216 7.54 -10.59 -22.66
C PHE B 216 8.62 -10.38 -21.61
N THR B 217 9.34 -11.45 -21.28
CA THR B 217 10.38 -11.43 -20.27
C THR B 217 11.75 -11.65 -20.91
N ALA B 218 12.67 -10.72 -20.66
CA ALA B 218 14.02 -10.84 -21.19
C ALA B 218 14.84 -11.85 -20.40
N SER B 219 15.89 -12.36 -21.04
CA SER B 219 16.82 -13.26 -20.37
C SER B 219 17.63 -12.49 -19.34
N PHE B 220 17.52 -12.87 -18.08
CA PHE B 220 18.23 -12.16 -17.01
C PHE B 220 19.71 -12.52 -16.95
N ASN B 221 20.11 -13.69 -17.41
CA ASN B 221 21.52 -14.06 -17.41
C ASN B 221 22.27 -13.30 -18.50
N ARG B 222 23.47 -12.83 -18.17
CA ARG B 222 24.31 -12.08 -19.09
C ARG B 222 25.63 -12.78 -19.35
N PRO B 223 25.81 -13.41 -20.51
CA PRO B 223 27.01 -14.24 -20.71
C PRO B 223 28.32 -13.46 -20.76
N ASN B 224 28.28 -12.14 -20.96
CA ASN B 224 29.50 -11.36 -21.11
C ASN B 224 30.02 -10.80 -19.78
N LEU B 225 29.33 -11.06 -18.68
CA LEU B 225 29.68 -10.52 -17.37
C LEU B 225 30.44 -11.55 -16.56
N TYR B 226 31.54 -11.12 -15.95
CA TYR B 226 32.36 -11.96 -15.10
C TYR B 226 32.22 -11.49 -13.66
N TYR B 227 31.84 -12.42 -12.77
CA TYR B 227 31.55 -12.11 -11.38
C TYR B 227 32.68 -12.59 -10.48
N GLU B 228 33.04 -11.75 -9.51
CA GLU B 228 34.15 -12.06 -8.61
C GLU B 228 33.88 -11.42 -7.25
N VAL B 229 34.31 -12.12 -6.20
CA VAL B 229 34.21 -11.64 -4.83
C VAL B 229 35.63 -11.56 -4.27
N ARG B 230 36.02 -10.38 -3.80
CA ARG B 230 37.35 -10.16 -3.28
C ARG B 230 37.27 -9.69 -1.83
N GLN B 231 38.34 -9.94 -1.08
CA GLN B 231 38.37 -9.56 0.33
C GLN B 231 38.63 -8.07 0.47
N LYS B 232 37.84 -7.41 1.31
CA LYS B 232 38.00 -5.98 1.53
C LYS B 232 39.07 -5.74 2.59
N PRO B 233 40.14 -5.01 2.27
CA PRO B 233 41.20 -4.79 3.26
C PRO B 233 40.69 -4.00 4.46
N SER B 234 41.32 -4.25 5.61
CA SER B 234 40.88 -3.59 6.84
C SER B 234 41.15 -2.08 6.80
N ASN B 235 42.28 -1.68 6.22
CA ASN B 235 42.65 -0.28 6.09
C ASN B 235 42.11 0.29 4.77
N THR B 236 42.08 1.61 4.70
CA THR B 236 41.55 2.29 3.52
C THR B 236 42.63 2.59 2.49
N GLU B 237 43.87 2.78 2.93
CA GLU B 237 44.96 3.12 2.01
C GLU B 237 45.26 1.96 1.06
N ASP B 238 45.43 0.75 1.61
CA ASP B 238 45.70 -0.41 0.75
C ASP B 238 44.49 -0.77 -0.09
N PHE B 239 43.29 -0.49 0.41
CA PHE B 239 42.07 -0.70 -0.39
C PHE B 239 42.08 0.18 -1.63
N ILE B 240 42.28 1.50 -1.43
CA ILE B 240 42.34 2.40 -2.57
C ILE B 240 43.52 2.07 -3.47
N GLU B 241 44.64 1.61 -2.89
CA GLU B 241 45.80 1.23 -3.69
C GLU B 241 45.48 0.06 -4.60
N ASP B 242 44.80 -0.96 -4.07
CA ASP B 242 44.43 -2.10 -4.90
C ASP B 242 43.43 -1.70 -5.98
N ILE B 243 42.51 -0.79 -5.65
CA ILE B 243 41.56 -0.32 -6.67
C ILE B 243 42.29 0.40 -7.79
N VAL B 244 43.24 1.27 -7.44
CA VAL B 244 44.03 1.98 -8.45
C VAL B 244 44.85 1.00 -9.27
N LYS B 245 45.43 0.00 -8.61
CA LYS B 245 46.21 -1.02 -9.31
C LYS B 245 45.35 -1.73 -10.35
N LEU B 246 44.14 -2.15 -9.96
CA LEU B 246 43.24 -2.80 -10.91
C LEU B 246 42.90 -1.88 -12.07
N ILE B 247 42.50 -0.65 -11.77
CA ILE B 247 42.05 0.29 -12.80
C ILE B 247 43.18 0.57 -13.80
N ASN B 248 44.40 0.72 -13.32
CA ASN B 248 45.50 1.07 -14.21
C ASN B 248 46.14 -0.14 -14.88
N GLY B 249 46.02 -1.34 -14.31
CA GLY B 249 46.69 -2.48 -14.89
C GLY B 249 45.82 -3.38 -15.75
N ARG B 250 44.50 -3.32 -15.59
CA ARG B 250 43.61 -4.13 -16.41
C ARG B 250 42.59 -3.33 -17.19
N TYR B 251 42.15 -2.19 -16.66
CA TYR B 251 41.07 -1.38 -17.19
C TYR B 251 41.58 -0.01 -17.61
N LYS B 252 42.77 0.00 -18.20
CA LYS B 252 43.48 1.24 -18.48
C LYS B 252 42.73 2.05 -19.52
N GLY B 253 42.29 3.25 -19.12
CA GLY B 253 41.49 4.09 -20.00
C GLY B 253 40.07 3.65 -20.24
N GLN B 254 39.57 2.66 -19.50
CA GLN B 254 38.22 2.15 -19.71
C GLN B 254 37.27 2.70 -18.65
N SER B 255 36.03 2.98 -19.06
CA SER B 255 35.05 3.56 -18.16
C SER B 255 34.60 2.52 -17.13
N GLY B 256 34.13 3.03 -15.98
CA GLY B 256 33.75 2.14 -14.90
C GLY B 256 32.89 2.83 -13.87
N ILE B 257 32.19 2.00 -13.09
CA ILE B 257 31.32 2.46 -12.01
C ILE B 257 31.82 1.85 -10.70
N ILE B 258 31.78 2.64 -9.63
CA ILE B 258 32.10 2.18 -8.28
C ILE B 258 30.92 2.49 -7.37
N TYR B 259 30.33 1.47 -6.77
CA TYR B 259 29.19 1.67 -5.88
C TYR B 259 29.63 1.74 -4.42
N CYS B 260 29.18 2.79 -3.74
CA CYS B 260 29.52 3.03 -2.35
C CYS B 260 28.26 3.03 -1.50
N PHE B 261 28.41 2.60 -0.25
CA PHE B 261 27.27 2.51 0.66
C PHE B 261 26.71 3.88 1.00
N SER B 262 27.54 4.76 1.53
CA SER B 262 27.16 6.10 1.95
C SER B 262 27.74 7.16 1.02
N GLN B 263 27.11 8.33 1.05
CA GLN B 263 27.58 9.49 0.29
C GLN B 263 29.02 9.84 0.64
N LYS B 264 29.34 9.80 1.94
CA LYS B 264 30.68 10.15 2.40
C LYS B 264 31.70 9.17 1.83
N ASP B 265 31.33 7.89 1.73
CA ASP B 265 32.23 6.92 1.13
C ASP B 265 32.54 7.29 -0.32
N SER B 266 31.52 7.74 -1.05
CA SER B 266 31.71 8.16 -2.44
C SER B 266 32.66 9.33 -2.53
N GLU B 267 32.46 10.35 -1.69
CA GLU B 267 33.32 11.53 -1.74
C GLU B 267 34.77 11.18 -1.40
N GLN B 268 34.98 10.35 -0.38
CA GLN B 268 36.33 10.00 0.01
C GLN B 268 37.03 9.20 -1.09
N VAL B 269 36.31 8.24 -1.69
CA VAL B 269 36.92 7.42 -2.74
C VAL B 269 37.23 8.27 -3.96
N THR B 270 36.34 9.21 -4.31
CA THR B 270 36.62 10.10 -5.43
C THR B 270 37.88 10.94 -5.18
N VAL B 271 38.00 11.52 -3.99
CA VAL B 271 39.16 12.34 -3.68
C VAL B 271 40.43 11.49 -3.71
N SER B 272 40.37 10.27 -3.17
CA SER B 272 41.56 9.42 -3.14
C SER B 272 41.97 9.00 -4.55
N LEU B 273 41.02 8.64 -5.40
CA LEU B 273 41.36 8.27 -6.77
C LEU B 273 41.93 9.46 -7.52
N GLN B 274 41.44 10.66 -7.25
CA GLN B 274 42.02 11.84 -7.89
C GLN B 274 43.44 12.08 -7.40
N ASN B 275 43.69 11.86 -6.09
CA ASN B 275 45.04 12.01 -5.57
C ASN B 275 46.00 10.97 -6.12
N LEU B 276 45.48 9.81 -6.57
CA LEU B 276 46.33 8.78 -7.16
C LEU B 276 46.40 8.87 -8.68
N GLY B 277 45.87 9.94 -9.28
CA GLY B 277 45.97 10.14 -10.71
C GLY B 277 44.81 9.62 -11.53
N ILE B 278 43.84 8.96 -10.91
CA ILE B 278 42.69 8.40 -11.62
C ILE B 278 41.63 9.47 -11.80
N HIS B 279 41.22 9.71 -13.05
CA HIS B 279 40.15 10.68 -13.33
C HIS B 279 38.84 10.11 -12.83
N ALA B 280 38.35 10.62 -11.70
CA ALA B 280 37.17 10.10 -11.04
C ALA B 280 36.13 11.20 -10.84
N GLY B 281 34.86 10.79 -10.74
CA GLY B 281 33.78 11.71 -10.47
C GLY B 281 32.75 11.18 -9.49
N ALA B 282 32.45 11.94 -8.44
CA ALA B 282 31.51 11.51 -7.41
C ALA B 282 30.07 11.79 -7.82
N TYR B 283 29.16 10.90 -7.44
CA TYR B 283 27.76 11.05 -7.77
C TYR B 283 26.88 10.58 -6.62
N HIS B 284 25.91 11.42 -6.25
CA HIS B 284 24.94 11.16 -5.20
C HIS B 284 23.79 12.15 -5.33
N ALA B 285 22.73 11.87 -4.58
CA ALA B 285 21.50 12.67 -4.65
C ALA B 285 21.67 14.04 -4.00
N ASN B 286 22.62 14.19 -3.09
CA ASN B 286 22.84 15.48 -2.43
C ASN B 286 23.55 16.48 -3.34
N LEU B 287 24.10 16.02 -4.46
CA LEU B 287 24.72 16.89 -5.44
C LEU B 287 23.73 17.93 -5.98
N GLU B 288 24.27 19.07 -6.37
CA GLU B 288 23.46 20.09 -7.04
C GLU B 288 23.05 19.62 -8.43
N PRO B 289 21.90 20.08 -8.94
CA PRO B 289 21.45 19.65 -10.27
C PRO B 289 22.44 19.99 -11.38
N GLU B 290 23.01 21.19 -11.34
CA GLU B 290 24.06 21.56 -12.29
C GLU B 290 25.24 20.60 -12.18
N ASP B 291 25.58 20.20 -10.96
CA ASP B 291 26.69 19.27 -10.76
C ASP B 291 26.35 17.91 -11.33
N LYS B 292 25.10 17.45 -11.13
CA LYS B 292 24.70 16.17 -11.69
C LYS B 292 24.78 16.18 -13.21
N THR B 293 24.23 17.22 -13.84
CA THR B 293 24.28 17.30 -15.30
C THR B 293 25.73 17.41 -15.81
N THR B 294 26.57 18.20 -15.14
CA THR B 294 27.96 18.35 -15.55
C THR B 294 28.73 17.02 -15.42
N VAL B 295 28.53 16.31 -14.32
CA VAL B 295 29.19 15.03 -14.11
C VAL B 295 28.72 14.02 -15.15
N HIS B 296 27.42 14.03 -15.44
CA HIS B 296 26.89 13.11 -16.43
C HIS B 296 27.41 13.43 -17.82
N ARG B 297 27.57 14.73 -18.14
CA ARG B 297 28.15 15.11 -19.42
C ARG B 297 29.62 14.71 -19.52
N LYS B 298 30.40 14.89 -18.44
CA LYS B 298 31.79 14.47 -18.46
C LYS B 298 31.92 12.96 -18.59
N TRP B 299 31.04 12.20 -17.94
CA TRP B 299 31.09 10.75 -18.05
C TRP B 299 30.67 10.29 -19.44
N SER B 300 29.69 10.97 -20.03
CA SER B 300 29.23 10.64 -21.37
C SER B 300 30.33 10.90 -22.38
N ALA B 301 31.05 12.00 -22.21
CA ALA B 301 32.16 12.38 -23.08
C ALA B 301 33.48 11.72 -22.68
N ASN B 302 33.45 10.77 -21.74
CA ASN B 302 34.64 10.04 -21.30
C ASN B 302 35.71 10.96 -20.73
N GLU B 303 35.34 12.18 -20.33
CA GLU B 303 36.27 13.05 -19.63
C GLU B 303 36.57 12.49 -18.25
N ILE B 304 35.60 11.81 -17.66
CA ILE B 304 35.73 11.13 -16.37
C ILE B 304 35.79 9.64 -16.65
N GLN B 305 36.82 8.98 -16.11
CA GLN B 305 37.02 7.56 -16.38
C GLN B 305 36.15 6.70 -15.49
N VAL B 306 36.05 7.02 -14.21
CA VAL B 306 35.31 6.21 -13.25
C VAL B 306 34.30 7.11 -12.54
N VAL B 307 33.06 6.66 -12.49
CA VAL B 307 32.02 7.31 -11.69
C VAL B 307 31.93 6.56 -10.37
N VAL B 308 32.22 7.25 -9.28
CA VAL B 308 32.05 6.70 -7.94
C VAL B 308 30.71 7.21 -7.45
N ALA B 309 29.72 6.33 -7.42
CA ALA B 309 28.37 6.72 -7.11
C ALA B 309 27.86 5.98 -5.88
N THR B 310 26.80 6.55 -5.37
CA THR B 310 25.93 6.14 -4.28
C THR B 310 24.74 5.40 -4.88
N VAL B 311 24.01 4.70 -4.02
CA VAL B 311 23.30 3.47 -4.31
C VAL B 311 21.83 3.80 -4.54
N ALA B 312 21.60 5.08 -4.83
CA ALA B 312 20.38 5.85 -4.95
C ALA B 312 20.50 6.71 -6.18
N PHE B 313 21.55 6.50 -7.01
CA PHE B 313 21.71 7.20 -8.27
C PHE B 313 20.45 6.87 -9.07
N GLY B 314 19.64 7.89 -9.33
CA GLY B 314 18.32 7.66 -9.91
C GLY B 314 18.24 7.30 -11.37
N MET B 315 18.91 6.23 -11.80
CA MET B 315 18.74 5.68 -13.14
C MET B 315 19.17 6.71 -14.20
N GLY B 316 20.36 7.25 -14.04
CA GLY B 316 20.91 8.09 -15.09
C GLY B 316 22.18 7.49 -15.66
N ILE B 317 22.38 6.20 -15.43
CA ILE B 317 23.58 5.51 -15.86
C ILE B 317 23.23 4.87 -17.20
N ASP B 318 23.48 5.61 -18.28
CA ASP B 318 23.20 5.13 -19.62
C ASP B 318 24.53 5.14 -20.38
N LYS B 319 25.22 4.01 -20.41
CA LYS B 319 26.44 3.96 -21.19
C LYS B 319 26.66 2.52 -21.67
N PRO B 320 26.82 2.29 -22.97
CA PRO B 320 27.01 0.92 -23.42
C PRO B 320 28.40 0.34 -23.16
N ASP B 321 29.46 1.16 -23.21
CA ASP B 321 30.80 0.66 -22.90
C ASP B 321 31.18 0.90 -21.44
N VAL B 322 30.48 0.27 -20.51
CA VAL B 322 30.93 0.19 -19.12
C VAL B 322 31.77 -1.08 -18.98
N ARG B 323 33.09 -0.93 -18.82
CA ARG B 323 33.94 -2.11 -18.77
C ARG B 323 34.06 -2.75 -17.39
N PHE B 324 33.82 -2.01 -16.31
CA PHE B 324 33.99 -2.60 -14.98
C PHE B 324 33.09 -1.93 -13.95
N VAL B 325 32.50 -2.75 -13.07
CA VAL B 325 31.69 -2.30 -11.96
C VAL B 325 32.27 -2.85 -10.66
N ILE B 326 32.75 -1.96 -9.80
CA ILE B 326 33.39 -2.33 -8.54
C ILE B 326 32.47 -1.90 -7.40
N HIS B 327 32.09 -2.87 -6.56
CA HIS B 327 31.28 -2.59 -5.38
C HIS B 327 32.20 -2.38 -4.18
N HIS B 328 32.37 -1.10 -3.82
CA HIS B 328 33.16 -0.71 -2.65
C HIS B 328 32.63 -1.38 -1.39
N SER B 329 31.32 -1.46 -1.23
CA SER B 329 30.67 -2.23 -0.17
C SER B 329 29.62 -3.12 -0.82
N MET B 330 29.27 -4.21 -0.14
CA MET B 330 28.26 -5.12 -0.71
C MET B 330 26.92 -4.42 -0.80
N SER B 331 26.10 -4.86 -1.75
CA SER B 331 24.75 -4.33 -1.88
C SER B 331 23.87 -4.84 -0.75
N LYS B 332 22.77 -4.11 -0.50
CA LYS B 332 21.87 -4.48 0.60
C LYS B 332 21.08 -5.74 0.30
N SER B 333 20.93 -6.12 -0.97
CA SER B 333 20.19 -7.33 -1.31
C SER B 333 20.76 -7.89 -2.61
N MET B 334 20.38 -9.13 -2.92
CA MET B 334 20.84 -9.75 -4.15
C MET B 334 20.28 -9.06 -5.38
N GLU B 335 19.00 -8.69 -5.34
CA GLU B 335 18.40 -7.95 -6.45
C GLU B 335 19.17 -6.66 -6.72
N ASN B 336 19.50 -5.91 -5.67
CA ASN B 336 20.22 -4.66 -5.87
C ASN B 336 21.60 -4.90 -6.46
N TYR B 337 22.31 -5.94 -6.01
CA TYR B 337 23.62 -6.23 -6.59
C TYR B 337 23.51 -6.57 -8.07
N TYR B 338 22.52 -7.39 -8.43
CA TYR B 338 22.35 -7.73 -9.84
C TYR B 338 22.08 -6.49 -10.67
N GLN B 339 21.14 -5.65 -10.22
CA GLN B 339 20.79 -4.45 -10.96
C GLN B 339 21.98 -3.51 -11.10
N GLU B 340 22.79 -3.41 -10.04
CA GLU B 340 23.90 -2.46 -10.05
C GLU B 340 25.04 -2.96 -10.92
N SER B 341 25.33 -4.27 -10.89
CA SER B 341 26.42 -4.80 -11.70
C SER B 341 26.01 -5.03 -13.15
N GLY B 342 24.71 -5.10 -13.45
CA GLY B 342 24.29 -5.28 -14.82
C GLY B 342 24.40 -4.04 -15.69
N ARG B 343 24.76 -2.90 -15.12
CA ARG B 343 24.96 -1.70 -15.92
C ARG B 343 26.21 -1.79 -16.79
N ALA B 344 27.14 -2.67 -16.46
CA ALA B 344 28.34 -2.85 -17.27
C ALA B 344 28.04 -3.77 -18.44
N GLY B 345 28.76 -3.57 -19.53
CA GLY B 345 28.64 -4.47 -20.66
C GLY B 345 27.33 -4.36 -21.41
N ARG B 346 26.79 -3.14 -21.55
CA ARG B 346 25.58 -2.96 -22.35
C ARG B 346 25.86 -3.08 -23.84
N ASP B 347 27.13 -3.07 -24.24
CA ASP B 347 27.55 -3.33 -25.62
C ASP B 347 27.81 -4.81 -25.88
N ASP B 348 27.42 -5.68 -24.94
CA ASP B 348 27.56 -7.13 -25.03
C ASP B 348 29.02 -7.59 -25.05
N MET B 349 29.97 -6.69 -24.80
CA MET B 349 31.36 -7.08 -24.70
C MET B 349 31.69 -7.55 -23.28
N LYS B 350 32.87 -8.15 -23.11
CA LYS B 350 33.24 -8.67 -21.81
C LYS B 350 33.44 -7.53 -20.82
N ALA B 351 32.86 -7.70 -19.63
CA ALA B 351 32.98 -6.72 -18.55
C ALA B 351 33.17 -7.48 -17.25
N ASP B 352 33.69 -6.78 -16.24
CA ASP B 352 33.96 -7.39 -14.95
C ASP B 352 33.11 -6.73 -13.87
N CYS B 353 32.65 -7.55 -12.91
CA CYS B 353 31.84 -7.12 -11.77
C CYS B 353 32.55 -7.59 -10.50
N ILE B 354 33.37 -6.73 -9.93
CA ILE B 354 34.12 -7.03 -8.72
C ILE B 354 33.31 -6.56 -7.52
N LEU B 355 33.35 -7.35 -6.45
CA LEU B 355 32.65 -7.03 -5.20
C LEU B 355 33.63 -7.16 -4.06
N TYR B 356 33.71 -6.13 -3.22
CA TYR B 356 34.61 -6.14 -2.07
C TYR B 356 33.82 -6.45 -0.81
N TYR B 357 34.12 -7.60 -0.21
CA TYR B 357 33.36 -8.14 0.91
C TYR B 357 33.97 -7.62 2.20
N GLY B 358 33.22 -6.82 2.92
CA GLY B 358 33.66 -6.24 4.19
C GLY B 358 32.82 -6.77 5.34
N PHE B 359 33.48 -7.03 6.46
CA PHE B 359 32.76 -7.59 7.61
C PHE B 359 31.88 -6.54 8.26
N GLY B 360 32.37 -5.31 8.36
CA GLY B 360 31.57 -4.24 8.94
C GLY B 360 30.44 -3.76 8.06
N ASP B 361 30.57 -3.94 6.74
CA ASP B 361 29.49 -3.57 5.83
C ASP B 361 28.21 -4.32 6.15
N ILE B 362 28.33 -5.58 6.59
CA ILE B 362 27.17 -6.37 6.97
C ILE B 362 26.35 -5.63 8.02
N PHE B 363 27.01 -5.21 9.10
CA PHE B 363 26.31 -4.56 10.20
C PHE B 363 25.89 -3.15 9.85
N ARG B 364 26.64 -2.45 8.98
CA ARG B 364 26.20 -1.13 8.56
C ARG B 364 24.88 -1.21 7.79
N ILE B 365 24.77 -2.21 6.91
CA ILE B 365 23.53 -2.36 6.15
C ILE B 365 22.41 -2.85 7.07
N SER B 366 22.74 -3.76 7.98
CA SER B 366 21.73 -4.27 8.90
C SER B 366 21.15 -3.15 9.76
N SER B 367 22.00 -2.24 10.22
CA SER B 367 21.53 -1.09 10.99
C SER B 367 20.73 -0.14 10.12
N MET B 368 21.05 -0.07 8.82
CA MET B 368 20.31 0.84 7.95
C MET B 368 18.93 0.29 7.60
N VAL B 369 18.81 -1.02 7.41
CA VAL B 369 17.61 -1.65 6.86
C VAL B 369 16.79 -2.32 7.97
N VAL B 370 16.98 -1.91 9.22
CA VAL B 370 16.36 -2.57 10.37
C VAL B 370 14.85 -2.37 10.32
N MET B 371 14.38 -1.26 9.74
CA MET B 371 12.96 -1.00 9.66
C MET B 371 12.29 -1.83 8.57
N GLU B 372 13.03 -2.21 7.54
CA GLU B 372 12.49 -3.13 6.55
C GLU B 372 12.26 -4.49 7.21
N ASN B 373 11.07 -5.05 6.98
CA ASN B 373 10.68 -6.27 7.69
C ASN B 373 11.50 -7.47 7.24
N VAL B 374 11.97 -7.47 6.00
CA VAL B 374 12.67 -8.63 5.46
C VAL B 374 14.02 -8.19 4.90
N GLY B 375 14.48 -7.03 5.34
CA GLY B 375 15.76 -6.54 4.85
C GLY B 375 16.92 -7.38 5.33
N GLN B 376 16.85 -7.85 6.59
CA GLN B 376 17.90 -8.70 7.12
C GLN B 376 18.03 -10.01 6.36
N GLN B 377 16.89 -10.55 5.89
CA GLN B 377 16.96 -11.81 5.15
C GLN B 377 17.66 -11.63 3.80
N LYS B 378 17.35 -10.54 3.09
CA LYS B 378 18.03 -10.32 1.81
C LYS B 378 19.51 -9.98 2.02
N LEU B 379 19.81 -9.23 3.07
CA LEU B 379 21.22 -8.96 3.38
C LEU B 379 21.95 -10.25 3.72
N TYR B 380 21.30 -11.19 4.42
CA TYR B 380 21.92 -12.47 4.70
C TYR B 380 22.10 -13.31 3.44
N GLU B 381 21.17 -13.18 2.49
CA GLU B 381 21.38 -13.82 1.18
C GLU B 381 22.61 -13.26 0.50
N MET B 382 22.79 -11.94 0.57
CA MET B 382 23.97 -11.31 -0.01
C MET B 382 25.24 -11.78 0.68
N VAL B 383 25.19 -11.90 2.01
CA VAL B 383 26.33 -12.40 2.76
C VAL B 383 26.66 -13.84 2.37
N SER B 384 25.63 -14.67 2.22
CA SER B 384 25.87 -16.06 1.84
C SER B 384 26.48 -16.16 0.45
N TYR B 385 26.04 -15.29 -0.47
CA TYR B 385 26.71 -15.20 -1.77
C TYR B 385 28.18 -14.85 -1.60
N CYS B 386 28.49 -13.90 -0.71
CA CYS B 386 29.88 -13.49 -0.53
C CYS B 386 30.72 -14.58 0.12
N GLN B 387 30.13 -15.37 1.01
CA GLN B 387 30.86 -16.38 1.75
C GLN B 387 31.21 -17.59 0.89
N ASN B 388 30.39 -17.90 -0.11
CA ASN B 388 30.58 -19.13 -0.87
C ASN B 388 31.86 -19.05 -1.70
N ILE B 389 32.59 -20.16 -1.74
CA ILE B 389 33.83 -20.24 -2.50
C ILE B 389 33.83 -21.40 -3.48
N SER B 390 32.75 -22.17 -3.56
CA SER B 390 32.67 -23.28 -4.50
C SER B 390 31.61 -23.09 -5.57
N LYS B 391 30.38 -22.77 -5.18
CA LYS B 391 29.30 -22.66 -6.15
C LYS B 391 29.54 -21.51 -7.11
N CYS B 392 28.98 -21.65 -8.31
CA CYS B 392 29.04 -20.58 -9.29
C CYS B 392 28.28 -19.35 -8.80
N ARG B 393 28.81 -18.18 -9.10
CA ARG B 393 28.08 -16.96 -8.78
C ARG B 393 26.77 -16.91 -9.55
N ARG B 394 26.76 -17.45 -10.77
CA ARG B 394 25.54 -17.47 -11.58
C ARG B 394 24.50 -18.39 -10.97
N VAL B 395 24.93 -19.50 -10.37
CA VAL B 395 23.98 -20.40 -9.73
C VAL B 395 23.36 -19.74 -8.51
N LEU B 396 24.18 -19.12 -7.67
CA LEU B 396 23.66 -18.42 -6.50
C LEU B 396 22.73 -17.28 -6.90
N MET B 397 23.02 -16.62 -8.03
CA MET B 397 22.14 -15.55 -8.48
C MET B 397 20.82 -16.11 -9.01
N ALA B 398 20.87 -17.22 -9.76
CA ALA B 398 19.65 -17.80 -10.30
C ALA B 398 18.78 -18.35 -9.18
N GLN B 399 19.39 -18.74 -8.06
CA GLN B 399 18.58 -19.16 -6.92
C GLN B 399 17.72 -18.01 -6.39
N HIS B 400 18.04 -16.76 -6.75
CA HIS B 400 17.21 -15.64 -6.31
C HIS B 400 16.00 -15.36 -7.21
N PHE B 401 16.04 -15.70 -8.49
CA PHE B 401 14.86 -15.55 -9.36
C PHE B 401 14.43 -16.94 -9.78
N ASP B 402 13.40 -17.52 -9.16
CA ASP B 402 13.02 -18.85 -9.61
C ASP B 402 12.33 -18.90 -10.96
N GLU B 403 11.64 -17.83 -11.41
CA GLU B 403 11.06 -17.94 -12.76
C GLU B 403 12.04 -17.67 -13.89
N VAL B 404 12.62 -16.45 -13.88
CA VAL B 404 13.55 -15.94 -14.87
C VAL B 404 14.92 -16.59 -14.71
N TRP B 405 15.77 -16.43 -15.72
CA TRP B 405 17.18 -16.79 -15.64
C TRP B 405 17.31 -18.28 -15.80
N ASN B 406 18.05 -18.69 -16.82
CA ASN B 406 18.06 -20.05 -17.30
C ASN B 406 19.37 -20.71 -16.95
N SER B 407 19.48 -21.96 -17.39
CA SER B 407 20.50 -22.91 -16.99
C SER B 407 21.70 -22.80 -17.90
N GLU B 408 21.83 -21.65 -18.56
CA GLU B 408 22.89 -21.39 -19.51
C GLU B 408 24.24 -21.46 -18.81
N ALA B 409 25.19 -22.11 -19.48
CA ALA B 409 26.47 -22.43 -18.89
C ALA B 409 27.26 -21.18 -18.52
N CYS B 410 27.98 -21.25 -17.40
CA CYS B 410 28.76 -20.13 -16.92
C CYS B 410 29.97 -19.91 -17.82
N ASN B 411 30.56 -20.99 -18.33
CA ASN B 411 31.69 -20.91 -19.25
C ASN B 411 32.87 -20.16 -18.64
N LYS B 412 33.17 -20.50 -17.38
CA LYS B 412 34.31 -19.96 -16.66
C LYS B 412 34.25 -18.43 -16.58
N MET B 413 33.05 -17.88 -16.38
CA MET B 413 32.82 -16.45 -16.29
C MET B 413 32.46 -16.05 -14.86
N CYS B 414 33.07 -16.72 -13.88
CA CYS B 414 32.95 -16.35 -12.48
C CYS B 414 34.22 -16.78 -11.75
N ASP B 415 34.46 -16.16 -10.60
CA ASP B 415 35.73 -16.40 -9.90
C ASP B 415 35.85 -17.85 -9.42
N ASN B 416 34.74 -18.45 -8.98
CA ASN B 416 34.82 -19.84 -8.52
C ASN B 416 34.98 -20.80 -9.69
N CYS B 417 34.43 -20.46 -10.85
CA CYS B 417 34.50 -21.34 -12.01
C CYS B 417 35.93 -21.58 -12.47
N CYS B 418 36.75 -20.53 -12.48
CA CYS B 418 38.13 -20.64 -12.97
C CYS B 418 39.06 -21.35 -11.99
N LYS B 419 38.75 -21.33 -10.70
CA LYS B 419 39.62 -21.92 -9.69
C LYS B 419 39.57 -23.45 -9.75
N ASP B 420 40.45 -24.06 -8.95
CA ASP B 420 40.72 -25.50 -9.00
C ASP B 420 39.55 -26.31 -8.46
N SER B 421 38.66 -25.70 -7.66
CA SER B 421 37.49 -26.37 -7.11
C SER B 421 37.86 -27.63 -6.32
N ALA B 422 38.63 -27.40 -5.26
CA ALA B 422 39.09 -28.47 -4.36
C ALA B 422 39.03 -27.93 -2.93
N PHE B 423 38.00 -28.36 -2.20
CA PHE B 423 37.59 -27.82 -0.92
C PHE B 423 37.34 -28.96 0.06
N GLU B 424 37.51 -28.66 1.35
CA GLU B 424 37.11 -29.58 2.40
C GLU B 424 36.16 -28.85 3.35
N ARG B 425 35.52 -29.60 4.24
CA ARG B 425 34.61 -29.02 5.24
C ARG B 425 35.31 -29.04 6.59
N LYS B 426 35.95 -27.93 6.96
CA LYS B 426 36.48 -27.87 8.31
C LYS B 426 35.32 -27.96 9.29
N ASN B 427 35.45 -28.81 10.30
CA ASN B 427 34.53 -28.87 11.42
C ASN B 427 34.89 -27.74 12.36
N ILE B 428 33.93 -27.00 12.95
CA ILE B 428 34.75 -26.33 13.94
C ILE B 428 34.48 -26.46 15.43
N THR B 429 33.33 -26.07 15.96
CA THR B 429 32.22 -26.49 16.80
C THR B 429 32.77 -26.49 18.23
N GLU B 430 34.07 -26.19 18.41
CA GLU B 430 34.69 -25.55 19.56
C GLU B 430 34.56 -24.03 19.53
N TYR B 431 34.82 -23.43 18.36
CA TYR B 431 34.81 -21.98 18.26
C TYR B 431 33.42 -21.45 18.57
N CYS B 432 32.40 -22.14 18.05
CA CYS B 432 31.02 -21.81 18.39
C CYS B 432 30.80 -21.87 19.89
N ARG B 433 31.27 -22.95 20.53
CA ARG B 433 31.02 -23.12 21.95
C ARG B 433 31.81 -22.12 22.79
N ASP B 434 33.06 -21.84 22.42
CA ASP B 434 33.84 -20.84 23.12
C ASP B 434 33.20 -19.45 22.99
N LEU B 435 32.71 -19.12 21.80
CA LEU B 435 32.02 -17.84 21.62
C LEU B 435 30.74 -17.79 22.44
N ILE B 436 30.03 -18.91 22.53
CA ILE B 436 28.82 -18.96 23.36
C ILE B 436 29.18 -18.77 24.83
N LYS B 437 30.29 -19.34 25.26
CA LYS B 437 30.78 -19.13 26.62
C LYS B 437 31.08 -17.66 26.86
N ILE B 438 31.76 -17.02 25.90
CA ILE B 438 32.08 -15.60 26.02
C ILE B 438 30.80 -14.76 26.11
N LEU B 439 29.85 -15.02 25.21
CA LEU B 439 28.63 -14.22 25.16
C LEU B 439 27.77 -14.45 26.39
N LYS B 440 27.69 -15.68 26.88
CA LYS B 440 26.91 -15.96 28.08
C LYS B 440 27.56 -15.34 29.31
N GLN B 441 28.89 -15.38 29.38
CA GLN B 441 29.59 -14.69 30.46
C GLN B 441 29.32 -13.19 30.41
N ALA B 442 29.34 -12.61 29.21
CA ALA B 442 29.06 -11.17 29.10
C ALA B 442 27.62 -10.86 29.49
N GLU B 443 26.68 -11.76 29.15
CA GLU B 443 25.30 -11.57 29.57
C GLU B 443 25.18 -11.64 31.09
N GLU B 444 25.90 -12.58 31.71
CA GLU B 444 25.93 -12.67 33.16
C GLU B 444 26.73 -11.53 33.78
N LEU B 445 27.62 -10.92 33.00
CA LEU B 445 28.28 -9.67 33.38
C LEU B 445 27.44 -8.46 33.02
N ASN B 446 26.29 -8.67 32.37
CA ASN B 446 25.35 -7.62 32.00
C ASN B 446 26.03 -6.59 31.10
N GLU B 447 26.64 -7.08 30.02
CA GLU B 447 27.33 -6.23 29.06
C GLU B 447 27.00 -6.67 27.64
N LYS B 448 26.75 -5.70 26.77
CA LYS B 448 26.50 -5.98 25.37
C LYS B 448 27.82 -5.97 24.61
N LEU B 449 27.97 -6.92 23.68
CA LEU B 449 29.20 -7.07 22.92
C LEU B 449 28.94 -6.74 21.46
N THR B 450 29.64 -5.73 20.95
CA THR B 450 29.70 -5.53 19.52
C THR B 450 30.57 -6.64 18.91
N PRO B 451 30.42 -6.90 17.61
CA PRO B 451 31.30 -7.89 16.96
C PRO B 451 32.77 -7.57 17.16
N LEU B 452 33.13 -6.29 17.18
CA LEU B 452 34.51 -5.89 17.44
C LEU B 452 34.95 -6.36 18.82
N LYS B 453 34.12 -6.13 19.84
CA LYS B 453 34.45 -6.54 21.20
C LYS B 453 34.55 -8.06 21.30
N LEU B 454 33.67 -8.78 20.62
CA LEU B 454 33.68 -10.23 20.68
C LEU B 454 34.94 -10.79 20.03
N ILE B 455 35.33 -10.26 18.88
CA ILE B 455 36.54 -10.78 18.23
C ILE B 455 37.79 -10.36 19.02
N ASP B 456 37.76 -9.20 19.68
CA ASP B 456 38.89 -8.81 20.53
C ASP B 456 39.00 -9.71 21.75
N SER B 457 37.86 -10.08 22.34
CA SER B 457 37.87 -11.01 23.46
C SER B 457 38.31 -12.40 23.01
N TRP B 458 37.96 -12.80 21.79
CA TRP B 458 38.37 -14.08 21.27
C TRP B 458 39.88 -14.12 21.01
N MET B 459 40.43 -13.05 20.44
CA MET B 459 41.86 -12.97 20.17
C MET B 459 42.66 -12.63 21.41
N GLY B 460 42.02 -12.14 22.48
CA GLY B 460 42.71 -11.76 23.69
C GLY B 460 43.03 -10.28 23.83
N LYS B 461 42.52 -9.44 22.95
CA LYS B 461 42.69 -8.00 23.01
C LYS B 461 41.49 -7.36 23.71
N GLY B 462 41.45 -6.03 23.69
CA GLY B 462 40.34 -5.32 24.30
C GLY B 462 40.43 -5.35 25.81
N ALA B 463 39.29 -5.04 26.45
CA ALA B 463 39.28 -4.99 27.89
C ALA B 463 39.44 -6.38 28.48
N ALA B 464 40.24 -6.49 29.54
CA ALA B 464 40.45 -7.78 30.17
C ALA B 464 39.20 -8.27 30.91
N LYS B 465 38.28 -7.36 31.23
CA LYS B 465 37.05 -7.76 31.90
C LYS B 465 36.21 -8.70 31.02
N LEU B 466 36.26 -8.51 29.71
CA LEU B 466 35.51 -9.35 28.78
C LEU B 466 36.40 -10.49 28.26
N ARG B 467 36.79 -11.35 29.18
CA ARG B 467 37.57 -12.55 28.86
C ARG B 467 37.04 -13.71 29.69
N VAL B 468 37.14 -14.92 29.13
CA VAL B 468 36.81 -16.14 29.84
C VAL B 468 38.07 -16.99 29.89
N ALA B 469 38.44 -17.43 31.10
CA ALA B 469 39.68 -18.16 31.30
C ALA B 469 39.55 -19.56 30.71
N GLY B 470 40.25 -19.81 29.61
CA GLY B 470 40.19 -21.10 28.96
C GLY B 470 40.14 -21.04 27.45
N VAL B 471 39.68 -19.92 26.90
CA VAL B 471 39.57 -19.79 25.45
C VAL B 471 40.94 -19.38 24.90
N VAL B 472 41.44 -20.16 23.96
CA VAL B 472 42.73 -19.85 23.35
C VAL B 472 42.49 -18.98 22.12
N ALA B 473 43.44 -18.09 21.86
CA ALA B 473 43.36 -17.27 20.67
C ALA B 473 43.55 -18.13 19.42
N PRO B 474 42.76 -17.91 18.38
CA PRO B 474 42.89 -18.73 17.17
C PRO B 474 44.17 -18.38 16.42
N THR B 475 44.56 -19.32 15.56
CA THR B 475 45.82 -19.27 14.83
C THR B 475 45.58 -19.03 13.34
N LEU B 476 44.60 -18.20 13.04
CA LEU B 476 44.15 -17.89 11.69
C LEU B 476 44.11 -16.38 11.52
N PRO B 477 44.18 -15.89 10.28
CA PRO B 477 44.10 -14.44 10.05
C PRO B 477 42.77 -13.88 10.53
N ARG B 478 42.76 -12.56 10.73
CA ARG B 478 41.58 -11.91 11.29
C ARG B 478 40.39 -12.02 10.35
N GLU B 479 40.63 -11.97 9.03
CA GLU B 479 39.53 -12.12 8.09
C GLU B 479 38.93 -13.52 8.18
N ASP B 480 39.75 -14.55 8.43
CA ASP B 480 39.20 -15.89 8.63
C ASP B 480 38.34 -15.97 9.88
N LEU B 481 38.74 -15.29 10.95
CA LEU B 481 37.90 -15.26 12.15
C LEU B 481 36.59 -14.54 11.89
N GLU B 482 36.66 -13.46 11.11
CA GLU B 482 35.45 -12.73 10.73
C GLU B 482 34.52 -13.61 9.89
N LYS B 483 35.08 -14.40 8.97
CA LYS B 483 34.27 -15.30 8.16
C LYS B 483 33.62 -16.38 9.03
N ILE B 484 34.35 -16.86 10.05
CA ILE B 484 33.77 -17.88 10.94
C ILE B 484 32.60 -17.28 11.73
N ILE B 485 32.78 -16.04 12.22
CA ILE B 485 31.71 -15.36 12.94
C ILE B 485 30.50 -15.15 12.04
N ALA B 486 30.74 -14.80 10.77
CA ALA B 486 29.63 -14.61 9.83
C ALA B 486 28.89 -15.90 9.58
N HIS B 487 29.61 -17.02 9.49
CA HIS B 487 28.96 -18.32 9.32
C HIS B 487 28.08 -18.64 10.53
N PHE B 488 28.58 -18.35 11.73
CA PHE B 488 27.80 -18.61 12.93
C PHE B 488 26.54 -17.74 12.96
N LEU B 489 26.63 -16.50 12.50
CA LEU B 489 25.46 -15.63 12.48
C LEU B 489 24.45 -16.08 11.42
N ILE B 490 24.93 -16.60 10.30
CA ILE B 490 24.04 -17.05 9.22
C ILE B 490 23.29 -18.29 9.66
N GLN B 491 23.97 -19.25 10.28
CA GLN B 491 23.34 -20.50 10.68
C GLN B 491 22.49 -20.35 11.95
N GLN B 492 22.26 -19.11 12.39
CA GLN B 492 21.41 -18.78 13.55
C GLN B 492 21.89 -19.40 14.86
N TYR B 493 23.16 -19.82 14.92
CA TYR B 493 23.75 -20.10 16.21
C TYR B 493 24.03 -18.81 16.98
N LEU B 494 24.24 -17.70 16.27
CA LEU B 494 24.27 -16.37 16.85
C LEU B 494 23.23 -15.50 16.17
N LYS B 495 22.70 -14.51 16.90
CA LYS B 495 21.65 -13.63 16.40
C LYS B 495 22.01 -12.17 16.67
N GLU B 496 21.31 -11.29 15.96
CA GLU B 496 21.52 -9.84 16.04
C GLU B 496 20.47 -9.19 16.91
N ASP B 497 20.92 -8.25 17.77
CA ASP B 497 20.05 -7.45 18.61
C ASP B 497 20.27 -5.98 18.29
N TYR B 498 19.22 -5.27 17.91
CA TYR B 498 19.33 -3.88 17.49
C TYR B 498 19.00 -2.95 18.65
N SER B 499 19.86 -1.95 18.88
CA SER B 499 19.65 -0.94 19.90
C SER B 499 19.43 0.42 19.25
N PHE B 500 18.32 1.08 19.59
CA PHE B 500 18.00 2.40 19.07
C PHE B 500 18.55 3.45 20.02
N THR B 501 19.51 4.24 19.53
CA THR B 501 20.07 5.36 20.26
C THR B 501 19.61 6.68 19.62
N ALA B 502 20.06 7.79 20.22
CA ALA B 502 19.67 9.10 19.74
C ALA B 502 20.34 9.44 18.41
N TYR B 503 21.57 8.96 18.21
CA TYR B 503 22.34 9.29 17.01
C TYR B 503 22.13 8.29 15.87
N ALA B 504 22.14 7.00 16.14
CA ALA B 504 21.98 6.00 15.10
C ALA B 504 21.61 4.66 15.75
N THR B 505 21.29 3.68 14.91
CA THR B 505 21.01 2.33 15.34
C THR B 505 22.31 1.53 15.43
N ILE B 506 22.49 0.81 16.54
CA ILE B 506 23.67 -0.01 16.75
C ILE B 506 23.28 -1.49 16.77
N SER B 507 24.20 -2.34 16.31
CA SER B 507 24.00 -3.79 16.24
C SER B 507 24.88 -4.51 17.25
N TYR B 508 24.27 -5.37 18.08
CA TYR B 508 24.97 -6.23 19.03
C TYR B 508 24.72 -7.70 18.70
N LEU B 509 25.60 -8.57 19.22
CA LEU B 509 25.52 -10.02 19.02
C LEU B 509 25.01 -10.73 20.28
N LYS B 510 24.06 -11.64 20.12
CA LYS B 510 23.53 -12.44 21.21
C LYS B 510 23.45 -13.91 20.81
N ILE B 511 23.20 -14.76 21.80
CA ILE B 511 23.10 -16.21 21.59
C ILE B 511 21.91 -16.49 20.68
N GLY B 512 22.15 -17.21 19.57
CA GLY B 512 21.11 -17.48 18.60
C GLY B 512 20.14 -18.54 19.07
N PRO B 513 19.01 -18.66 18.35
CA PRO B 513 18.01 -19.67 18.73
C PRO B 513 18.46 -21.10 18.51
N LYS B 514 19.30 -21.35 17.50
CA LYS B 514 19.77 -22.71 17.25
C LYS B 514 20.95 -23.09 18.12
N ALA B 515 21.45 -22.17 18.95
CA ALA B 515 22.63 -22.45 19.76
C ALA B 515 22.42 -23.60 20.72
N ASN B 516 21.16 -23.89 21.08
CA ASN B 516 20.89 -25.03 21.96
C ASN B 516 21.40 -26.33 21.36
N LEU B 517 21.51 -26.39 20.03
CA LEU B 517 22.05 -27.58 19.37
C LEU B 517 23.48 -27.89 19.78
N LEU B 518 24.19 -26.94 20.41
CA LEU B 518 25.52 -27.26 20.91
C LEU B 518 25.50 -28.15 22.13
N ASN B 519 24.33 -28.32 22.76
CA ASN B 519 24.25 -29.20 23.93
C ASN B 519 24.54 -30.64 23.57
N ASN B 520 24.18 -31.06 22.36
CA ASN B 520 24.56 -32.38 21.87
C ASN B 520 26.05 -32.35 21.52
N GLU B 521 26.84 -33.19 22.21
CA GLU B 521 28.25 -33.24 21.91
C GLU B 521 28.51 -33.81 20.53
N ALA B 522 27.59 -34.62 20.01
CA ALA B 522 27.73 -35.17 18.67
C ALA B 522 27.32 -34.19 17.58
N HIS B 523 26.72 -33.06 17.93
CA HIS B 523 26.38 -32.06 16.94
C HIS B 523 27.64 -31.42 16.37
N ALA B 524 27.67 -31.24 15.05
CA ALA B 524 28.84 -30.68 14.40
C ALA B 524 28.43 -29.55 13.46
N ILE B 525 29.25 -28.51 13.42
CA ILE B 525 29.07 -27.36 12.54
C ILE B 525 30.29 -27.29 11.65
N THR B 526 30.09 -27.36 10.33
CA THR B 526 31.18 -27.40 9.37
C THR B 526 31.06 -26.25 8.37
N MET B 527 32.20 -25.82 7.82
CA MET B 527 32.26 -24.76 6.84
C MET B 527 33.31 -25.08 5.78
N GLN B 528 33.01 -24.68 4.54
CA GLN B 528 33.89 -24.93 3.41
C GLN B 528 35.17 -24.11 3.53
N VAL B 529 36.33 -24.78 3.36
CA VAL B 529 37.63 -24.15 3.34
C VAL B 529 38.48 -24.77 2.24
N THR B 530 39.34 -23.97 1.64
CA THR B 530 40.23 -24.49 0.61
C THR B 530 41.27 -25.43 1.23
N LYS B 531 41.66 -26.44 0.45
CA LYS B 531 42.62 -27.44 0.89
C LYS B 531 44.07 -27.01 0.66
#